data_5Y3I
#
_entry.id   5Y3I
#
_cell.length_a   74.436
_cell.length_b   109.267
_cell.length_c   112.504
_cell.angle_alpha   90.000
_cell.angle_beta   90.000
_cell.angle_gamma   90.000
#
_symmetry.space_group_name_H-M   'P 21 21 21'
#
loop_
_entity.id
_entity.type
_entity.pdbx_description
1 polymer 'M1 family aminopeptidase'
2 non-polymer 'ZINC ION'
3 non-polymer 'MAGNESIUM ION'
4 non-polymer (2R)-4-methyl-2-[(3-methylphenyl)methylcarbamoylamino]-N-oxidanyl-pentanamide
5 non-polymer GLYCEROL
6 water water
#
_entity_poly.entity_id   1
_entity_poly.type   'polypeptide(L)'
_entity_poly.pdbx_seq_one_letter_code
;MGSSHHHHHHSSGLVPRGSHMASEPKIHYRKDYKPSGFIINNVTLNINIHDNETIVRSVLDMDISKHNVGEDLVFDGVGL
KINEISINNKKLVEGEEYTYDNEFLTIFSKFVPKSKFAFSSEVIIHPETNYALTGLYKSKNIIVSQCEATGFRRITFFID
RPDMMAKYDVTVTADKEKYPVLLSNGDKVNEFEIPGGRHGARFNDPHLKPCYLFAVVAGDLKHLSATYITKYTKKKVELY
VFSEEKYVSKLQWALECLKKSMAFDEDYFGLEYDLSRLNLVAVSDFNVGAMENKGLNIFNANSLLASKKNSIDFSYARIL
TVVGHEYFHNYTGNRVTLRDWFQLTLKEGLTVHRENLFSEEMTKTVTTRLSHVDLLRSVQFLEDSSPLSHPIRPESYVSM
ENFYTTTVYDKGSEVMRMYLTILGEEYYKKGFDIYIKKNDGNTATCEDFNYAMEQAYKMKKADNSANLNQYLLWFSQSGT
PHVSFKYNYDAEKKQYSIHVNQYTKPDENQKEKKPLFIPISVGLINPENGKEMISQTTLELTKESDTFVFNNIAVKPIPS
LFRGFSAPVYIEDNLTDEERILLLKYDSDAFVRYNSCTNIYMKQILMNYNEFLKAKNEKLESFNLTPVNAQFIDAIKYLL
EDPHADAGFKSYIVSLPQDRYIINFVSNLDTDVLADTKEYIYKQIGDKLNDVYYKMFKSLEAKADDLTYFNDESHVDFDQ
MNMRTLRNTLLSLLSKAQYPNILNEIIEHSKSPYPSNWLTSLSVSAYFDKYFELYDKTYKLSKDDELLLQEWLKTVSRSD
RKDIYEILKKLENEVLKDSKNPNDIRAVYLPFTNNLRRFHDISGKGYKLIAEVITKTDKFNPMVATQLCEPFKLWNKLDT
KRQELMLNEMNTMLQEPNISNNLKEYLLRLTNKL
;
_entity_poly.pdbx_strand_id   A
#
# COMPACT_ATOMS: atom_id res chain seq x y z
N PRO A 25 17.80 -22.85 -4.73
CA PRO A 25 17.64 -21.69 -3.82
C PRO A 25 17.42 -22.06 -2.32
N LYS A 26 17.92 -21.25 -1.39
CA LYS A 26 17.65 -21.50 0.04
C LYS A 26 16.17 -21.14 0.43
N ILE A 27 15.34 -22.12 0.77
CA ILE A 27 13.90 -21.88 1.10
C ILE A 27 13.59 -21.99 2.57
N HIS A 28 13.01 -20.93 3.11
CA HIS A 28 12.53 -20.91 4.46
C HIS A 28 11.03 -21.29 4.48
N TYR A 29 10.65 -22.16 5.41
CA TYR A 29 9.28 -22.73 5.54
C TYR A 29 8.67 -22.37 6.86
N ARG A 30 7.40 -21.91 6.83
CA ARG A 30 6.73 -21.52 8.02
C ARG A 30 6.69 -22.58 9.12
N LYS A 31 6.47 -23.84 8.73
CA LYS A 31 6.40 -24.93 9.67
C LYS A 31 7.69 -25.23 10.44
N ASP A 32 8.81 -24.77 9.92
CA ASP A 32 10.13 -25.10 10.52
C ASP A 32 10.56 -24.03 11.51
N TYR A 33 9.69 -23.08 11.86
CA TYR A 33 10.07 -22.12 12.94
C TYR A 33 10.53 -22.83 14.24
N LYS A 34 11.69 -22.41 14.73
CA LYS A 34 12.21 -22.82 16.04
C LYS A 34 12.85 -21.61 16.76
N PRO A 35 12.69 -21.54 18.08
CA PRO A 35 13.32 -20.43 18.78
C PRO A 35 14.83 -20.62 18.74
N SER A 36 15.51 -19.49 18.90
CA SER A 36 16.96 -19.51 18.87
C SER A 36 17.56 -20.18 20.12
N GLY A 37 18.74 -20.73 19.92
CA GLY A 37 19.60 -21.18 21.00
C GLY A 37 20.31 -20.11 21.82
N PHE A 38 20.12 -18.84 21.41
CA PHE A 38 20.77 -17.71 21.98
C PHE A 38 19.76 -16.63 22.27
N ILE A 39 20.18 -15.72 23.15
CA ILE A 39 19.46 -14.54 23.55
C ILE A 39 20.39 -13.38 23.48
N ILE A 40 19.91 -12.25 22.95
CA ILE A 40 20.62 -11.00 22.94
C ILE A 40 19.82 -10.08 23.83
N ASN A 41 20.39 -9.67 24.94
CA ASN A 41 19.66 -8.80 25.89
C ASN A 41 19.87 -7.32 25.70
N ASN A 42 21.11 -6.93 25.42
CA ASN A 42 21.48 -5.54 25.25
C ASN A 42 22.40 -5.35 24.09
N VAL A 43 22.18 -4.25 23.39
CA VAL A 43 22.96 -3.83 22.25
C VAL A 43 23.53 -2.48 22.52
N THR A 44 24.83 -2.36 22.52
CA THR A 44 25.48 -1.07 22.71
C THR A 44 26.29 -0.71 21.45
N LEU A 45 25.89 0.34 20.77
CA LEU A 45 26.49 0.67 19.46
C LEU A 45 27.16 2.02 19.52
N ASN A 46 28.26 2.11 18.78
CA ASN A 46 28.91 3.37 18.47
C ASN A 46 29.01 3.39 16.95
N ILE A 47 28.37 4.39 16.32
CA ILE A 47 28.34 4.55 14.89
C ILE A 47 29.08 5.85 14.58
N ASN A 48 30.26 5.71 13.97
CA ASN A 48 31.17 6.87 13.77
C ASN A 48 31.21 7.15 12.30
N ILE A 49 30.50 8.22 11.91
CA ILE A 49 30.35 8.59 10.47
C ILE A 49 31.52 9.43 10.05
N HIS A 50 32.21 8.97 8.98
CA HIS A 50 33.22 9.82 8.33
C HIS A 50 32.91 9.97 6.81
N ASP A 51 33.67 10.80 6.10
CA ASP A 51 33.37 11.05 4.69
C ASP A 51 33.35 9.81 3.85
N ASN A 52 34.38 8.99 3.99
CA ASN A 52 34.48 7.84 3.14
C ASN A 52 34.36 6.53 3.87
N GLU A 53 33.88 6.50 5.09
CA GLU A 53 33.60 5.23 5.76
C GLU A 53 32.80 5.54 7.01
N THR A 54 31.99 4.56 7.44
CA THR A 54 31.39 4.59 8.75
C THR A 54 31.87 3.38 9.54
N ILE A 55 32.31 3.58 10.78
CA ILE A 55 32.82 2.50 11.62
C ILE A 55 31.72 2.23 12.64
N VAL A 56 31.34 0.96 12.76
CA VAL A 56 30.32 0.56 13.68
C VAL A 56 30.93 -0.43 14.69
N ARG A 57 31.00 0.02 15.95
CA ARG A 57 31.44 -0.85 17.04
C ARG A 57 30.20 -1.25 17.81
N SER A 58 30.08 -2.52 18.12
CA SER A 58 28.91 -3.07 18.72
C SER A 58 29.21 -4.12 19.77
N VAL A 59 28.65 -3.91 20.96
CA VAL A 59 28.72 -4.93 22.01
C VAL A 59 27.34 -5.54 22.16
N LEU A 60 27.27 -6.87 22.05
CA LEU A 60 26.05 -7.59 22.32
C LEU A 60 26.19 -8.37 23.63
N ASP A 61 25.35 -8.03 24.62
CA ASP A 61 25.31 -8.78 25.87
CA ASP A 61 25.19 -8.72 25.93
C ASP A 61 24.33 -9.93 25.62
N MET A 62 24.91 -11.13 25.60
CA MET A 62 24.19 -12.30 25.14
C MET A 62 24.11 -13.38 26.22
N ASP A 63 23.31 -14.39 25.92
CA ASP A 63 23.20 -15.55 26.82
C ASP A 63 22.75 -16.73 25.96
N ILE A 64 22.77 -17.90 26.58
CA ILE A 64 22.32 -19.14 26.05
C ILE A 64 20.88 -19.35 26.47
N SER A 65 20.02 -19.72 25.52
CA SER A 65 18.59 -19.97 25.85
C SER A 65 18.36 -21.42 26.31
N LYS A 66 17.13 -21.66 26.76
CA LYS A 66 16.74 -23.03 27.10
C LYS A 66 16.67 -23.98 25.92
N HIS A 67 16.75 -23.48 24.69
CA HIS A 67 16.67 -24.27 23.49
C HIS A 67 18.05 -24.66 22.95
N ASN A 68 19.11 -24.12 23.56
CA ASN A 68 20.47 -24.36 23.11
C ASN A 68 20.89 -25.84 23.24
N VAL A 69 21.55 -26.34 22.21
CA VAL A 69 22.08 -27.74 22.12
C VAL A 69 23.57 -27.72 21.79
N GLY A 70 24.20 -26.64 22.21
CA GLY A 70 25.64 -26.45 21.95
C GLY A 70 26.07 -26.20 20.53
N GLU A 71 25.20 -25.59 19.75
CA GLU A 71 25.50 -25.27 18.36
C GLU A 71 26.49 -24.13 18.20
N ASP A 72 27.09 -24.08 17.04
CA ASP A 72 27.80 -22.88 16.57
C ASP A 72 26.91 -21.62 16.71
N LEU A 73 27.56 -20.52 16.99
CA LEU A 73 26.90 -19.22 17.07
C LEU A 73 27.03 -18.55 15.71
N VAL A 74 25.88 -18.38 15.01
CA VAL A 74 25.89 -17.89 13.65
C VAL A 74 25.14 -16.56 13.61
N PHE A 75 25.85 -15.55 13.18
CA PHE A 75 25.30 -14.20 13.06
C PHE A 75 25.07 -13.93 11.54
N ASP A 76 24.00 -13.19 11.27
CA ASP A 76 23.88 -12.55 9.97
C ASP A 76 24.78 -11.35 9.89
N GLY A 77 25.43 -11.13 8.73
CA GLY A 77 26.24 -9.95 8.53
C GLY A 77 26.60 -9.86 7.07
N VAL A 78 26.04 -8.89 6.37
CA VAL A 78 26.15 -8.85 4.90
C VAL A 78 26.95 -7.67 4.44
N GLY A 79 28.03 -7.93 3.73
CA GLY A 79 28.89 -6.90 3.19
C GLY A 79 29.67 -6.09 4.23
N LEU A 80 29.92 -6.66 5.39
CA LEU A 80 30.67 -5.94 6.44
C LEU A 80 32.17 -6.21 6.30
N LYS A 81 32.97 -5.20 6.52
CA LYS A 81 34.44 -5.37 6.59
C LYS A 81 34.82 -5.43 8.08
N ILE A 82 35.35 -6.58 8.47
CA ILE A 82 35.68 -6.82 9.86
C ILE A 82 36.98 -6.16 10.26
N ASN A 83 36.93 -5.33 11.30
CA ASN A 83 38.13 -4.83 11.99
C ASN A 83 38.54 -5.70 13.16
N GLU A 84 37.56 -6.15 13.96
CA GLU A 84 37.82 -7.00 15.07
C GLU A 84 36.56 -7.74 15.58
N ILE A 85 36.79 -8.93 16.12
CA ILE A 85 35.82 -9.73 16.70
C ILE A 85 36.37 -10.19 18.04
N SER A 86 35.56 -10.14 19.10
CA SER A 86 35.96 -10.77 20.38
C SER A 86 34.77 -11.31 21.15
N ILE A 87 35.05 -12.25 22.07
CA ILE A 87 34.09 -12.70 23.04
C ILE A 87 34.75 -12.59 24.43
N ASN A 88 34.07 -11.92 25.36
CA ASN A 88 34.63 -11.67 26.73
C ASN A 88 36.11 -11.17 26.65
N ASN A 89 36.33 -10.27 25.70
CA ASN A 89 37.62 -9.62 25.57
CA ASN A 89 37.58 -9.58 25.43
C ASN A 89 38.71 -10.52 25.01
N LYS A 90 38.34 -11.67 24.51
CA LYS A 90 39.27 -12.60 23.84
C LYS A 90 39.14 -12.38 22.35
N LYS A 91 40.21 -11.91 21.68
CA LYS A 91 40.15 -11.74 20.23
C LYS A 91 39.94 -13.08 19.54
N LEU A 92 39.03 -13.15 18.56
CA LEU A 92 38.81 -14.31 17.71
C LEU A 92 39.38 -14.09 16.35
N VAL A 93 39.94 -15.16 15.77
CA VAL A 93 40.67 -15.08 14.52
C VAL A 93 40.02 -15.91 13.40
N GLU A 94 40.01 -15.34 12.18
CA GLU A 94 39.41 -15.99 11.04
C GLU A 94 40.11 -17.27 10.76
N GLY A 95 39.37 -18.34 10.51
CA GLY A 95 39.99 -19.67 10.25
C GLY A 95 40.32 -20.44 11.49
N GLU A 96 40.33 -19.83 12.65
CA GLU A 96 40.67 -20.50 13.84
C GLU A 96 39.51 -20.57 14.79
N GLU A 97 38.89 -19.43 15.07
CA GLU A 97 37.69 -19.44 15.90
C GLU A 97 36.37 -19.05 15.14
N TYR A 98 36.47 -18.45 13.97
CA TYR A 98 35.32 -18.04 13.25
C TYR A 98 35.55 -18.18 11.75
N THR A 99 34.47 -18.24 11.00
CA THR A 99 34.52 -17.97 9.55
C THR A 99 33.57 -16.89 9.19
N TYR A 100 33.93 -16.14 8.15
CA TYR A 100 32.96 -15.15 7.57
C TYR A 100 32.96 -15.20 6.05
N ASP A 101 31.78 -15.36 5.46
CA ASP A 101 31.66 -15.52 3.99
C ASP A 101 30.95 -14.35 3.33
N ASN A 102 30.93 -13.19 3.99
CA ASN A 102 30.17 -12.06 3.57
C ASN A 102 28.69 -12.03 3.77
N GLU A 103 28.16 -13.10 4.30
CA GLU A 103 26.77 -13.25 4.65
C GLU A 103 26.51 -13.74 6.11
N PHE A 104 27.30 -14.69 6.55
CA PHE A 104 27.15 -15.30 7.86
C PHE A 104 28.52 -15.34 8.54
N LEU A 105 28.53 -14.93 9.79
CA LEU A 105 29.69 -15.07 10.71
C LEU A 105 29.39 -16.24 11.58
N THR A 106 30.26 -17.25 11.51
CA THR A 106 30.10 -18.45 12.30
C THR A 106 31.18 -18.49 13.35
N ILE A 107 30.77 -18.53 14.60
CA ILE A 107 31.70 -18.69 15.73
C ILE A 107 31.62 -20.15 16.10
N PHE A 108 32.73 -20.92 15.93
CA PHE A 108 32.68 -22.31 16.34
C PHE A 108 32.32 -22.55 17.80
N SER A 109 31.46 -23.56 17.99
CA SER A 109 30.88 -23.82 19.32
C SER A 109 31.86 -23.92 20.51
N LYS A 110 33.05 -24.48 20.31
CA LYS A 110 34.06 -24.41 21.38
C LYS A 110 34.36 -23.08 21.98
N PHE A 111 34.20 -22.01 21.20
CA PHE A 111 34.46 -20.68 21.63
C PHE A 111 33.24 -19.89 22.01
N VAL A 112 32.10 -20.54 22.00
CA VAL A 112 30.85 -19.93 22.41
C VAL A 112 30.63 -20.25 23.89
N PRO A 113 30.65 -19.27 24.75
CA PRO A 113 30.42 -19.50 26.19
C PRO A 113 29.15 -20.17 26.53
N LYS A 114 29.14 -20.81 27.69
CA LYS A 114 27.93 -21.51 28.14
C LYS A 114 27.01 -20.74 29.09
N SER A 115 27.37 -19.53 29.43
CA SER A 115 26.44 -18.67 30.15
C SER A 115 26.66 -17.23 29.66
N LYS A 116 26.12 -16.25 30.36
CA LYS A 116 26.17 -14.89 29.87
C LYS A 116 27.54 -14.46 29.35
N PHE A 117 27.58 -13.82 28.18
CA PHE A 117 28.84 -13.38 27.58
C PHE A 117 28.68 -12.10 26.77
N ALA A 118 29.79 -11.41 26.51
CA ALA A 118 29.84 -10.16 25.73
C ALA A 118 30.47 -10.48 24.39
N PHE A 119 29.72 -10.24 23.32
CA PHE A 119 30.27 -10.34 21.94
C PHE A 119 30.52 -8.95 21.42
N SER A 120 31.74 -8.69 20.95
CA SER A 120 32.16 -7.43 20.43
C SER A 120 32.57 -7.60 18.98
N SER A 121 32.10 -6.66 18.14
CA SER A 121 32.62 -6.54 16.77
C SER A 121 32.81 -5.08 16.41
N GLU A 122 33.72 -4.85 15.49
CA GLU A 122 33.90 -3.54 14.88
C GLU A 122 34.00 -3.79 13.40
N VAL A 123 33.14 -3.11 12.63
CA VAL A 123 33.11 -3.30 11.19
C VAL A 123 33.11 -1.93 10.55
N ILE A 124 33.46 -1.96 9.27
CA ILE A 124 33.39 -0.77 8.42
C ILE A 124 32.35 -0.99 7.28
N ILE A 125 31.52 0.02 7.10
CA ILE A 125 30.47 0.09 6.09
C ILE A 125 30.55 1.45 5.39
N HIS A 126 29.77 1.56 4.29
CA HIS A 126 29.94 2.69 3.38
C HIS A 126 28.61 3.25 2.90
N PRO A 127 27.94 4.05 3.75
CA PRO A 127 26.60 4.56 3.36
C PRO A 127 26.62 5.34 2.07
N GLU A 128 27.72 6.04 1.86
CA GLU A 128 27.89 6.89 0.65
C GLU A 128 27.81 6.14 -0.67
N THR A 129 28.04 4.83 -0.68
CA THR A 129 27.88 4.02 -1.89
C THR A 129 26.70 3.02 -1.83
N ASN A 130 25.83 3.16 -0.84
CA ASN A 130 24.77 2.19 -0.63
C ASN A 130 23.56 2.75 -1.42
N TYR A 131 23.43 2.35 -2.68
CA TYR A 131 22.29 2.77 -3.46
C TYR A 131 21.08 1.88 -3.43
N ALA A 132 21.11 0.85 -2.60
CA ALA A 132 20.05 -0.09 -2.46
C ALA A 132 19.06 0.38 -1.42
N LEU A 133 19.49 1.34 -0.57
CA LEU A 133 18.60 2.07 0.36
C LEU A 133 18.10 1.12 1.42
N THR A 134 18.95 0.14 1.74
CA THR A 134 18.67 -0.79 2.81
C THR A 134 19.95 -0.89 3.65
N GLY A 135 19.81 -1.00 4.96
CA GLY A 135 20.97 -0.78 5.83
C GLY A 135 21.19 0.73 6.10
N LEU A 136 22.45 1.12 6.21
CA LEU A 136 22.80 2.54 6.41
C LEU A 136 23.22 3.15 5.06
N TYR A 137 22.56 4.25 4.68
CA TYR A 137 22.75 4.88 3.38
C TYR A 137 22.67 6.37 3.41
N LYS A 138 23.18 6.98 2.36
CA LYS A 138 23.15 8.41 2.18
C LYS A 138 22.07 8.79 1.17
N SER A 139 21.19 9.67 1.60
CA SER A 139 20.16 10.24 0.79
C SER A 139 20.37 11.76 0.71
N LYS A 140 20.90 12.19 -0.43
CA LYS A 140 21.36 13.52 -0.57
C LYS A 140 22.39 13.82 0.49
N ASN A 141 22.13 14.72 1.37
CA ASN A 141 23.14 14.99 2.38
C ASN A 141 22.71 14.46 3.77
N ILE A 142 21.76 13.51 3.81
CA ILE A 142 21.34 12.90 5.06
C ILE A 142 21.82 11.45 5.08
N ILE A 143 22.40 11.07 6.20
CA ILE A 143 22.71 9.62 6.43
C ILE A 143 21.50 9.04 7.19
N VAL A 144 20.96 7.94 6.71
CA VAL A 144 19.72 7.33 7.27
C VAL A 144 19.76 5.82 7.18
N SER A 145 19.04 5.17 8.05
CA SER A 145 18.94 3.73 7.99
C SER A 145 17.57 3.25 7.54
N GLN A 146 17.56 2.04 6.98
CA GLN A 146 16.33 1.24 6.80
C GLN A 146 16.68 -0.17 7.10
N CYS A 147 16.13 -0.66 8.22
CA CYS A 147 16.45 -2.03 8.68
C CYS A 147 15.40 -3.08 8.40
N GLU A 148 14.12 -2.75 8.37
CA GLU A 148 13.15 -3.79 8.01
C GLU A 148 13.32 -4.15 6.50
N ALA A 149 13.32 -5.41 6.09
CA ALA A 149 13.30 -6.61 6.99
C ALA A 149 14.71 -7.11 7.40
N THR A 150 15.62 -7.09 6.45
CA THR A 150 16.98 -7.67 6.61
C THR A 150 18.12 -6.66 6.50
N GLY A 151 17.84 -5.41 6.79
CA GLY A 151 18.80 -4.36 6.69
C GLY A 151 19.73 -4.23 7.86
N PHE A 152 19.36 -4.62 9.10
CA PHE A 152 20.25 -4.40 10.23
C PHE A 152 21.55 -5.18 10.04
N ARG A 153 21.43 -6.35 9.44
CA ARG A 153 22.63 -7.19 9.18
C ARG A 153 23.62 -6.51 8.21
N ARG A 154 23.18 -5.48 7.48
CA ARG A 154 24.09 -4.71 6.64
C ARG A 154 24.75 -3.57 7.39
N ILE A 155 24.43 -3.40 8.68
CA ILE A 155 25.03 -2.37 9.54
C ILE A 155 26.06 -3.03 10.49
N THR A 156 25.65 -4.12 11.14
CA THR A 156 26.48 -4.86 12.07
C THR A 156 25.99 -6.30 12.18
N PHE A 157 26.77 -7.16 12.85
CA PHE A 157 26.34 -8.52 13.02
C PHE A 157 25.18 -8.68 14.01
N PHE A 158 24.25 -9.58 13.68
CA PHE A 158 23.14 -9.84 14.57
C PHE A 158 22.49 -11.12 14.20
N ILE A 159 21.69 -11.69 15.12
CA ILE A 159 20.76 -12.78 14.78
C ILE A 159 19.51 -12.08 14.32
N ASP A 160 19.50 -11.76 13.01
CA ASP A 160 18.61 -10.74 12.42
C ASP A 160 17.30 -11.35 12.08
N ARG A 161 16.48 -11.47 13.11
CA ARG A 161 15.13 -12.05 13.03
C ARG A 161 14.29 -11.50 14.19
N PRO A 162 12.97 -11.33 13.99
CA PRO A 162 12.25 -10.42 14.83
C PRO A 162 11.94 -10.93 16.19
N ASP A 163 12.19 -12.23 16.44
CA ASP A 163 12.03 -12.74 17.79
C ASP A 163 13.23 -12.49 18.74
N MET A 164 14.27 -11.86 18.21
CA MET A 164 15.50 -11.57 19.01
C MET A 164 15.38 -10.19 19.59
N MET A 165 14.65 -10.07 20.71
CA MET A 165 14.34 -8.73 21.19
C MET A 165 15.37 -8.33 22.27
N ALA A 166 15.72 -7.05 22.24
CA ALA A 166 16.81 -6.50 23.02
C ALA A 166 16.63 -5.02 23.32
N LYS A 167 17.39 -4.45 24.29
CA LYS A 167 17.42 -3.03 24.51
C LYS A 167 18.65 -2.38 24.00
N TYR A 168 18.51 -1.16 23.48
CA TYR A 168 19.52 -0.53 22.70
C TYR A 168 20.06 0.76 23.32
N ASP A 169 21.39 0.89 23.34
CA ASP A 169 22.17 2.12 23.77
C ASP A 169 23.03 2.52 22.58
N VAL A 170 22.70 3.66 21.95
CA VAL A 170 23.27 4.02 20.66
C VAL A 170 23.96 5.34 20.74
N THR A 171 25.25 5.36 20.39
CA THR A 171 26.01 6.57 20.26
C THR A 171 26.28 6.78 18.78
N VAL A 172 25.98 8.00 18.32
CA VAL A 172 26.34 8.40 16.94
C VAL A 172 27.34 9.55 16.99
N THR A 173 28.40 9.49 16.18
CA THR A 173 29.30 10.60 16.05
C THR A 173 29.48 10.98 14.59
N ALA A 174 29.78 12.26 14.38
CA ALA A 174 29.94 12.77 12.99
C ALA A 174 30.54 14.18 13.01
N ASP A 175 30.94 14.64 11.85
CA ASP A 175 31.32 16.04 11.65
C ASP A 175 30.17 16.95 11.99
N LYS A 176 30.40 17.95 12.85
CA LYS A 176 29.32 18.79 13.33
C LYS A 176 28.72 19.74 12.28
N GLU A 177 29.56 20.32 11.43
CA GLU A 177 29.09 21.27 10.39
C GLU A 177 28.16 20.54 9.37
N LYS A 178 28.57 19.37 8.93
CA LYS A 178 27.84 18.61 7.95
C LYS A 178 26.60 17.92 8.55
N TYR A 179 26.76 17.39 9.76
CA TYR A 179 25.75 16.57 10.42
C TYR A 179 25.38 17.07 11.80
N PRO A 180 24.79 18.29 11.87
CA PRO A 180 24.48 18.82 13.21
C PRO A 180 23.39 18.20 14.01
N VAL A 181 22.45 17.49 13.33
CA VAL A 181 21.38 16.77 14.01
C VAL A 181 21.64 15.27 13.86
N LEU A 182 21.71 14.68 15.05
CA LEU A 182 21.94 13.25 15.22
C LEU A 182 20.78 12.66 15.97
N LEU A 183 20.15 11.63 15.41
CA LEU A 183 19.02 10.98 16.06
C LEU A 183 19.19 9.44 16.05
N SER A 184 18.77 8.82 17.11
CA SER A 184 18.44 7.40 17.13
C SER A 184 17.26 7.13 18.00
N ASN A 185 16.87 5.86 18.18
CA ASN A 185 15.63 5.61 18.91
C ASN A 185 15.72 5.99 20.36
N GLY A 186 14.66 6.58 20.88
CA GLY A 186 14.52 6.72 22.30
C GLY A 186 15.04 8.06 22.83
N ASP A 187 15.26 8.06 24.13
CA ASP A 187 15.69 9.24 24.91
C ASP A 187 17.10 9.67 24.54
N LYS A 188 17.33 10.94 24.26
CA LYS A 188 18.68 11.46 24.05
C LYS A 188 19.26 11.72 25.45
N VAL A 189 20.26 10.99 25.85
CA VAL A 189 20.75 11.05 27.25
C VAL A 189 22.04 11.83 27.38
N ASN A 190 22.70 12.15 26.29
CA ASN A 190 23.91 12.98 26.32
C ASN A 190 24.27 13.48 24.93
N GLU A 191 24.95 14.60 24.92
CA GLU A 191 25.48 15.22 23.70
C GLU A 191 26.83 15.82 24.06
N PHE A 192 27.83 15.60 23.22
CA PHE A 192 29.18 15.99 23.54
C PHE A 192 29.98 16.37 22.35
N GLU A 193 30.97 17.22 22.62
CA GLU A 193 31.93 17.60 21.56
C GLU A 193 33.07 16.62 21.47
N ILE A 194 33.64 16.53 20.30
CA ILE A 194 34.74 15.62 20.00
C ILE A 194 35.77 16.42 19.27
N PRO A 195 37.09 16.21 19.60
CA PRO A 195 38.12 16.94 18.84
C PRO A 195 38.03 16.80 17.32
N GLY A 196 38.45 17.83 16.59
CA GLY A 196 38.51 17.80 15.13
C GLY A 196 37.20 18.13 14.42
N GLY A 197 36.35 18.90 15.12
CA GLY A 197 35.12 19.44 14.67
C GLY A 197 34.00 18.39 14.60
N ARG A 198 34.13 17.33 15.36
CA ARG A 198 33.08 16.31 15.47
C ARG A 198 32.22 16.49 16.70
N HIS A 199 31.10 15.74 16.76
CA HIS A 199 30.29 15.71 17.94
C HIS A 199 29.56 14.40 17.98
N GLY A 200 28.99 14.15 19.14
CA GLY A 200 28.26 12.92 19.43
C GLY A 200 26.99 13.11 20.19
N ALA A 201 26.11 12.10 20.05
CA ALA A 201 24.90 12.07 20.81
C ALA A 201 24.62 10.62 21.20
N ARG A 202 24.13 10.43 22.42
CA ARG A 202 23.81 9.09 22.92
C ARG A 202 22.32 8.96 23.20
N PHE A 203 21.76 7.80 22.77
CA PHE A 203 20.31 7.47 22.87
C PHE A 203 20.13 6.21 23.65
N ASN A 204 19.12 6.21 24.48
CA ASN A 204 18.68 5.00 25.22
C ASN A 204 17.25 4.70 24.92
N ASP A 205 16.97 3.55 24.29
CA ASP A 205 15.60 3.15 24.03
C ASP A 205 15.22 2.12 25.04
N PRO A 206 14.36 2.50 26.00
CA PRO A 206 14.01 1.57 27.07
C PRO A 206 13.08 0.41 26.68
N HIS A 207 12.46 0.44 25.50
CA HIS A 207 11.51 -0.61 25.10
C HIS A 207 12.25 -1.72 24.36
N LEU A 208 12.03 -2.95 24.81
CA LEU A 208 12.62 -4.12 24.14
C LEU A 208 12.14 -4.08 22.71
N LYS A 209 13.05 -4.35 21.78
CA LYS A 209 12.66 -4.39 20.36
C LYS A 209 13.48 -5.33 19.53
N PRO A 210 12.89 -5.82 18.44
CA PRO A 210 13.66 -6.44 17.36
C PRO A 210 14.54 -5.44 16.62
N CYS A 211 15.57 -5.96 15.93
CA CYS A 211 16.53 -5.10 15.30
C CYS A 211 15.94 -4.38 14.11
N TYR A 212 14.84 -4.90 13.55
CA TYR A 212 14.25 -4.24 12.37
C TYR A 212 13.68 -2.85 12.69
N LEU A 213 13.53 -2.54 13.99
CA LEU A 213 13.00 -1.25 14.42
C LEU A 213 14.12 -0.26 14.86
N PHE A 214 15.40 -0.68 14.77
CA PHE A 214 16.49 0.23 14.97
C PHE A 214 16.52 1.29 13.85
N ALA A 215 16.82 2.51 14.22
CA ALA A 215 17.09 3.61 13.25
C ALA A 215 18.10 4.60 13.73
N VAL A 216 18.82 5.17 12.78
CA VAL A 216 19.72 6.33 13.06
C VAL A 216 19.56 7.29 11.88
N VAL A 217 19.67 8.56 12.17
CA VAL A 217 19.68 9.61 11.15
C VAL A 217 20.73 10.66 11.55
N ALA A 218 21.45 11.21 10.56
CA ALA A 218 22.38 12.27 10.79
C ALA A 218 22.27 13.24 9.61
N GLY A 219 22.09 14.49 9.92
CA GLY A 219 21.91 15.46 8.84
C GLY A 219 21.82 16.90 9.30
N ASP A 220 21.82 17.81 8.33
CA ASP A 220 21.55 19.21 8.58
C ASP A 220 20.04 19.45 8.49
N LEU A 221 19.33 18.97 9.48
CA LEU A 221 17.88 18.94 9.40
C LEU A 221 17.27 20.12 10.12
N LYS A 222 16.15 20.59 9.64
CA LYS A 222 15.32 21.60 10.30
C LYS A 222 14.05 20.97 10.73
N HIS A 223 13.38 21.61 11.66
CA HIS A 223 12.19 21.04 12.26
C HIS A 223 11.08 21.94 12.58
N LEU A 224 9.89 21.34 12.73
CA LEU A 224 8.78 21.96 13.48
C LEU A 224 8.47 21.06 14.67
N SER A 225 7.99 21.63 15.76
CA SER A 225 7.69 20.84 16.92
C SER A 225 6.45 21.32 17.62
N ALA A 226 5.89 20.45 18.45
CA ALA A 226 4.72 20.75 19.28
C ALA A 226 4.70 19.80 20.44
N THR A 227 3.95 20.14 21.45
CA THR A 227 3.81 19.32 22.61
C THR A 227 2.40 18.73 22.61
N TYR A 228 2.28 17.41 22.81
CA TYR A 228 1.04 16.72 22.87
C TYR A 228 0.85 16.14 24.29
N ILE A 229 -0.30 16.35 24.88
CA ILE A 229 -0.57 15.83 26.19
C ILE A 229 -1.53 14.64 26.10
N THR A 230 -1.10 13.44 26.59
CA THR A 230 -1.88 12.24 26.40
C THR A 230 -3.20 12.32 27.17
N LYS A 231 -4.21 11.64 26.64
CA LYS A 231 -5.58 11.86 27.05
C LYS A 231 -5.81 11.37 28.49
N TYR A 232 -5.24 10.20 28.82
CA TYR A 232 -5.61 9.48 30.07
C TYR A 232 -4.63 9.73 31.17
N THR A 233 -3.37 9.57 30.87
CA THR A 233 -2.29 9.73 31.84
C THR A 233 -1.67 11.14 31.85
N LYS A 234 -2.07 11.99 30.90
CA LYS A 234 -1.56 13.37 30.77
C LYS A 234 -0.04 13.45 30.69
N LYS A 235 0.57 12.51 29.99
CA LYS A 235 1.99 12.53 29.74
C LYS A 235 2.31 13.56 28.61
N LYS A 236 3.33 14.40 28.84
CA LYS A 236 3.75 15.33 27.83
C LYS A 236 4.67 14.64 26.84
N VAL A 237 4.32 14.76 25.55
CA VAL A 237 5.13 14.16 24.52
C VAL A 237 5.58 15.29 23.59
N GLU A 238 6.87 15.32 23.27
CA GLU A 238 7.38 16.29 22.36
C GLU A 238 7.39 15.67 20.98
N LEU A 239 6.70 16.33 20.07
CA LEU A 239 6.57 15.90 18.65
C LEU A 239 7.46 16.77 17.82
N TYR A 240 8.34 16.13 17.11
CA TYR A 240 9.28 16.76 16.10
C TYR A 240 9.04 16.16 14.69
N VAL A 241 8.98 17.03 13.69
CA VAL A 241 9.04 16.63 12.28
C VAL A 241 10.18 17.31 11.59
N PHE A 242 10.92 16.54 10.82
CA PHE A 242 12.20 17.03 10.25
C PHE A 242 12.33 16.87 8.76
N SER A 243 13.00 17.82 8.10
CA SER A 243 13.34 17.70 6.69
C SER A 243 14.65 18.44 6.46
N GLU A 244 15.19 18.30 5.25
CA GLU A 244 16.22 19.24 4.80
C GLU A 244 15.68 20.70 4.81
N GLU A 245 16.61 21.63 4.99
CA GLU A 245 16.25 23.05 5.09
C GLU A 245 15.36 23.61 3.98
N LYS A 246 15.66 23.28 2.73
CA LYS A 246 14.88 23.75 1.60
C LYS A 246 13.37 23.53 1.76
N TYR A 247 12.99 22.42 2.41
CA TYR A 247 11.59 22.01 2.47
C TYR A 247 10.98 22.03 3.84
N VAL A 248 11.57 22.75 4.80
CA VAL A 248 11.00 22.85 6.14
C VAL A 248 9.58 23.42 6.13
N SER A 249 9.29 24.26 5.17
CA SER A 249 7.96 24.90 5.00
C SER A 249 6.87 23.86 4.68
N LYS A 250 7.28 22.63 4.38
CA LYS A 250 6.34 21.61 3.89
C LYS A 250 6.03 20.56 5.00
N LEU A 251 6.42 20.87 6.23
CA LEU A 251 6.28 19.92 7.34
C LEU A 251 4.98 20.03 8.13
N GLN A 252 4.20 21.10 7.96
CA GLN A 252 3.15 21.36 8.90
C GLN A 252 1.99 20.35 8.88
N TRP A 253 1.56 19.95 7.71
CA TRP A 253 0.42 19.04 7.62
C TRP A 253 0.81 17.69 8.28
N ALA A 254 2.07 17.23 8.08
CA ALA A 254 2.50 16.01 8.76
C ALA A 254 2.35 16.08 10.24
N LEU A 255 2.81 17.20 10.81
CA LEU A 255 2.63 17.38 12.28
C LEU A 255 1.19 17.34 12.73
N GLU A 256 0.31 18.02 12.01
CA GLU A 256 -1.08 17.95 12.30
C GLU A 256 -1.59 16.51 12.18
N CYS A 257 -1.20 15.77 11.12
CA CYS A 257 -1.67 14.41 10.98
C CYS A 257 -1.17 13.50 12.11
N LEU A 258 0.03 13.76 12.62
CA LEU A 258 0.50 13.02 13.78
C LEU A 258 -0.40 13.25 14.98
N LYS A 259 -0.73 14.52 15.25
CA LYS A 259 -1.64 14.82 16.37
C LYS A 259 -3.01 14.09 16.20
N LYS A 260 -3.55 14.13 14.98
CA LYS A 260 -4.78 13.41 14.68
C LYS A 260 -4.70 11.93 14.91
N SER A 261 -3.58 11.33 14.52
CA SER A 261 -3.32 9.89 14.68
C SER A 261 -3.25 9.54 16.14
N MET A 262 -2.54 10.39 16.91
CA MET A 262 -2.42 10.09 18.35
C MET A 262 -3.80 10.15 19.05
N ALA A 263 -4.60 11.16 18.67
CA ALA A 263 -5.94 11.31 19.26
C ALA A 263 -6.84 10.15 18.86
N PHE A 264 -6.75 9.67 17.62
CA PHE A 264 -7.57 8.58 17.18
C PHE A 264 -7.23 7.34 17.94
N ASP A 265 -5.92 7.01 18.09
CA ASP A 265 -5.63 5.77 18.81
C ASP A 265 -6.10 5.86 20.28
N GLU A 266 -6.02 7.06 20.87
CA GLU A 266 -6.58 7.28 22.24
C GLU A 266 -8.09 7.03 22.28
N ASP A 267 -8.78 7.66 21.36
CA ASP A 267 -10.23 7.74 21.33
C ASP A 267 -10.87 6.43 20.93
N TYR A 268 -10.35 5.75 19.92
CA TYR A 268 -10.96 4.47 19.49
C TYR A 268 -10.43 3.31 20.28
N PHE A 269 -9.10 3.24 20.46
CA PHE A 269 -8.44 2.05 20.99
C PHE A 269 -7.94 2.18 22.43
N GLY A 270 -8.04 3.37 23.01
CA GLY A 270 -7.49 3.64 24.33
C GLY A 270 -6.00 3.54 24.48
N LEU A 271 -5.27 3.76 23.37
CA LEU A 271 -3.86 3.56 23.32
C LEU A 271 -3.11 4.88 23.32
N GLU A 272 -2.20 5.03 24.30
CA GLU A 272 -1.32 6.21 24.43
C GLU A 272 0.11 5.99 24.05
N TYR A 273 0.71 7.03 23.49
CA TYR A 273 2.13 6.94 23.15
C TYR A 273 2.97 6.72 24.45
N ASP A 274 4.17 6.18 24.28
CA ASP A 274 4.93 5.52 25.36
C ASP A 274 6.39 5.98 25.49
N LEU A 275 6.75 7.10 24.85
CA LEU A 275 8.01 7.71 25.05
C LEU A 275 7.78 9.23 25.22
N SER A 276 8.81 9.92 25.70
CA SER A 276 8.71 11.39 25.88
C SER A 276 8.82 12.17 24.58
N ARG A 277 9.30 11.53 23.52
CA ARG A 277 9.53 12.19 22.29
C ARG A 277 9.20 11.24 21.16
N LEU A 278 8.69 11.87 20.12
CA LEU A 278 8.42 11.07 18.73
C LEU A 278 8.96 11.96 17.62
N ASN A 279 9.87 11.44 16.83
CA ASN A 279 10.42 12.17 15.72
C ASN A 279 9.95 11.54 14.42
N LEU A 280 9.55 12.40 13.43
CA LEU A 280 9.31 11.95 12.08
C LEU A 280 10.32 12.64 11.19
N VAL A 281 10.94 11.94 10.24
CA VAL A 281 12.05 12.49 9.38
C VAL A 281 11.79 12.14 7.89
N ALA A 282 11.76 13.17 7.02
CA ALA A 282 11.65 12.97 5.56
C ALA A 282 13.02 12.84 4.94
N VAL A 283 13.19 11.82 4.09
CA VAL A 283 14.38 11.70 3.24
C VAL A 283 13.95 11.54 1.78
N SER A 284 14.76 12.04 0.87
CA SER A 284 14.45 12.05 -0.55
C SER A 284 14.46 10.68 -1.21
N ASP A 285 15.29 9.75 -0.72
CA ASP A 285 15.55 8.46 -1.40
C ASP A 285 15.07 7.37 -0.47
N PHE A 286 13.93 6.77 -0.83
CA PHE A 286 13.33 5.75 0.05
C PHE A 286 12.57 4.76 -0.78
N ASN A 287 12.68 3.48 -0.42
CA ASN A 287 12.12 2.43 -1.30
C ASN A 287 10.65 2.30 -1.35
N VAL A 288 9.96 2.69 -0.28
CA VAL A 288 8.52 2.60 -0.24
C VAL A 288 7.98 3.88 0.45
N GLY A 289 6.96 3.84 1.31
CA GLY A 289 6.32 5.04 1.86
C GLY A 289 6.98 5.56 3.13
N ALA A 290 7.09 4.66 4.12
CA ALA A 290 7.67 5.03 5.39
C ALA A 290 7.87 3.84 6.29
N MET A 291 8.46 4.09 7.44
CA MET A 291 8.93 3.03 8.37
C MET A 291 8.74 3.42 9.81
N GLU A 292 8.25 2.49 10.59
CA GLU A 292 7.83 2.72 11.97
C GLU A 292 8.88 2.56 13.08
N ASN A 293 10.14 2.91 12.81
CA ASN A 293 11.22 2.69 13.82
C ASN A 293 10.76 3.37 15.11
N LYS A 294 11.00 2.73 16.24
CA LYS A 294 10.42 3.22 17.50
C LYS A 294 10.90 4.63 17.81
N GLY A 295 9.96 5.57 17.96
CA GLY A 295 10.29 6.94 18.30
C GLY A 295 10.98 7.72 17.18
N LEU A 296 11.15 7.13 16.03
CA LEU A 296 11.96 7.69 14.92
C LEU A 296 11.48 7.16 13.59
N ASN A 297 10.28 7.59 13.22
CA ASN A 297 9.65 7.12 12.00
C ASN A 297 10.32 7.86 10.85
N ILE A 298 10.66 7.15 9.77
CA ILE A 298 11.39 7.71 8.63
C ILE A 298 10.54 7.52 7.39
N PHE A 299 10.39 8.57 6.62
CA PHE A 299 9.43 8.62 5.50
C PHE A 299 10.13 8.99 4.20
N ASN A 300 9.61 8.40 3.12
CA ASN A 300 9.79 8.98 1.81
C ASN A 300 9.26 10.42 1.90
N ALA A 301 10.01 11.39 1.42
CA ALA A 301 9.55 12.77 1.42
C ALA A 301 8.18 12.94 0.74
N ASN A 302 7.88 12.13 -0.26
CA ASN A 302 6.55 12.20 -0.91
C ASN A 302 5.40 11.80 -0.03
N SER A 303 5.71 11.22 1.09
CA SER A 303 4.68 10.75 2.05
C SER A 303 4.72 11.52 3.40
N LEU A 304 5.50 12.58 3.48
CA LEU A 304 5.53 13.43 4.64
C LEU A 304 5.38 14.93 4.29
N LEU A 305 5.90 15.35 3.14
CA LEU A 305 6.03 16.77 2.80
C LEU A 305 5.01 17.26 1.81
N ALA A 306 4.32 18.35 2.17
CA ALA A 306 3.45 19.03 1.22
C ALA A 306 3.31 20.52 1.53
N SER A 307 2.95 21.27 0.48
CA SER A 307 2.44 22.65 0.74
C SER A 307 1.35 22.87 -0.32
N LYS A 308 0.36 23.71 0.00
CA LYS A 308 -0.79 23.79 -0.92
C LYS A 308 -0.41 24.43 -2.24
N LYS A 309 0.64 25.24 -2.29
CA LYS A 309 1.00 25.88 -3.57
C LYS A 309 1.88 24.91 -4.39
N ASN A 310 2.41 23.84 -3.77
CA ASN A 310 3.44 22.99 -4.38
C ASN A 310 3.18 21.53 -4.39
N SER A 311 1.98 21.15 -4.01
CA SER A 311 1.63 19.75 -3.94
C SER A 311 0.25 19.57 -4.56
N ILE A 312 -0.01 18.43 -5.23
CA ILE A 312 -1.40 18.07 -5.62
C ILE A 312 -2.22 17.59 -4.41
N ASP A 313 -3.53 17.67 -4.52
CA ASP A 313 -4.44 17.31 -3.47
C ASP A 313 -4.15 15.91 -2.87
N PHE A 314 -3.88 14.94 -3.75
CA PHE A 314 -3.66 13.55 -3.34
C PHE A 314 -2.50 13.45 -2.34
N SER A 315 -1.55 14.36 -2.36
CA SER A 315 -0.48 14.39 -1.32
C SER A 315 -1.00 14.49 0.03
N TYR A 316 -2.02 15.30 0.28
CA TYR A 316 -2.61 15.41 1.61
C TYR A 316 -3.23 14.15 2.20
N ALA A 317 -3.94 13.40 1.36
CA ALA A 317 -4.47 12.17 1.68
C ALA A 317 -3.36 11.18 1.98
N ARG A 318 -2.35 11.15 1.11
CA ARG A 318 -1.25 10.18 1.24
C ARG A 318 -0.50 10.41 2.56
N ILE A 319 -0.23 11.69 2.91
CA ILE A 319 0.47 11.97 4.15
C ILE A 319 -0.35 11.56 5.35
N LEU A 320 -1.66 11.85 5.33
CA LEU A 320 -2.52 11.49 6.43
C LEU A 320 -2.48 9.98 6.64
N THR A 321 -2.55 9.21 5.57
CA THR A 321 -2.60 7.77 5.73
C THR A 321 -1.23 7.25 6.19
N VAL A 322 -0.15 7.75 5.62
CA VAL A 322 1.16 7.18 5.96
C VAL A 322 1.62 7.55 7.37
N VAL A 323 1.42 8.81 7.77
CA VAL A 323 1.69 9.17 9.15
C VAL A 323 0.84 8.35 10.10
N GLY A 324 -0.43 8.18 9.79
CA GLY A 324 -1.30 7.39 10.63
C GLY A 324 -0.73 5.96 10.71
N HIS A 325 -0.47 5.41 9.56
CA HIS A 325 0.04 4.03 9.51
C HIS A 325 1.23 3.82 10.39
N GLU A 326 2.29 4.64 10.21
CA GLU A 326 3.47 4.44 11.04
C GLU A 326 3.17 4.61 12.50
N TYR A 327 2.29 5.56 12.83
CA TYR A 327 1.96 5.81 14.22
C TYR A 327 1.24 4.61 14.85
N PHE A 328 0.32 4.02 14.09
CA PHE A 328 -0.45 2.89 14.60
C PHE A 328 0.42 1.67 14.80
N HIS A 329 1.50 1.56 14.05
CA HIS A 329 2.44 0.45 14.27
C HIS A 329 3.04 0.53 15.71
N ASN A 330 2.98 1.68 16.41
CA ASN A 330 3.63 1.78 17.71
C ASN A 330 3.09 0.73 18.67
N TYR A 331 1.80 0.41 18.50
CA TYR A 331 1.25 -0.81 19.13
C TYR A 331 1.21 -2.03 18.25
N THR A 332 0.63 -1.94 17.04
CA THR A 332 0.52 -3.11 16.19
C THR A 332 1.74 -3.30 15.34
N GLY A 333 2.80 -3.81 15.96
CA GLY A 333 4.11 -4.03 15.30
C GLY A 333 5.26 -3.83 16.29
N ASN A 334 5.17 -2.76 17.08
CA ASN A 334 6.25 -2.35 17.96
C ASN A 334 6.01 -2.93 19.36
N ARG A 335 5.05 -2.42 20.10
CA ARG A 335 4.72 -2.98 21.41
C ARG A 335 4.28 -4.41 21.40
N VAL A 336 3.61 -4.83 20.33
CA VAL A 336 3.41 -6.23 20.03
C VAL A 336 4.03 -6.48 18.71
N THR A 337 5.05 -7.32 18.64
CA THR A 337 5.81 -7.50 17.39
C THR A 337 5.57 -8.91 16.84
N LEU A 338 6.36 -9.31 15.83
CA LEU A 338 6.20 -10.62 15.12
C LEU A 338 7.09 -11.70 15.63
N ARG A 339 6.56 -12.92 15.77
CA ARG A 339 7.43 -14.06 16.11
C ARG A 339 8.43 -14.34 14.97
N ASP A 340 8.00 -14.21 13.73
CA ASP A 340 8.77 -14.52 12.53
C ASP A 340 8.09 -13.78 11.36
N TRP A 341 8.77 -13.77 10.22
CA TRP A 341 8.31 -12.96 9.09
C TRP A 341 7.07 -13.52 8.42
N PHE A 342 6.75 -14.80 8.64
CA PHE A 342 5.55 -15.34 8.08
C PHE A 342 4.34 -14.70 8.73
N GLN A 343 4.49 -14.08 9.90
CA GLN A 343 3.43 -13.38 10.54
C GLN A 343 3.24 -11.90 10.07
N LEU A 344 3.89 -11.53 8.97
CA LEU A 344 3.93 -10.12 8.54
C LEU A 344 2.53 -9.47 8.57
N THR A 345 1.53 -10.21 8.08
CA THR A 345 0.16 -9.63 7.99
C THR A 345 -0.42 -9.27 9.34
N LEU A 346 0.03 -9.93 10.41
CA LEU A 346 -0.40 -9.59 11.73
C LEU A 346 -0.08 -8.13 12.11
N LYS A 347 1.03 -7.59 11.63
CA LYS A 347 1.31 -6.23 11.83
C LYS A 347 0.88 -5.36 10.65
N GLU A 348 1.11 -5.79 9.41
CA GLU A 348 0.74 -4.89 8.25
C GLU A 348 -0.71 -4.90 7.96
N GLY A 349 -1.34 -6.07 7.91
CA GLY A 349 -2.80 -6.14 7.67
C GLY A 349 -3.57 -5.40 8.74
N LEU A 350 -3.13 -5.58 9.99
CA LEU A 350 -3.82 -4.97 11.12
C LEU A 350 -3.59 -3.46 11.20
N THR A 351 -2.36 -3.04 10.82
CA THR A 351 -2.06 -1.65 10.80
C THR A 351 -2.76 -0.92 9.64
N VAL A 352 -2.84 -1.56 8.49
CA VAL A 352 -3.63 -0.97 7.37
C VAL A 352 -5.09 -0.85 7.74
N HIS A 353 -5.62 -1.83 8.44
CA HIS A 353 -7.03 -1.74 8.93
C HIS A 353 -7.19 -0.55 9.88
N ARG A 354 -6.27 -0.39 10.82
CA ARG A 354 -6.28 0.77 11.76
C ARG A 354 -6.18 2.08 10.98
N GLU A 355 -5.26 2.14 10.02
CA GLU A 355 -5.03 3.31 9.18
C GLU A 355 -6.32 3.64 8.35
N ASN A 356 -6.99 2.61 7.86
CA ASN A 356 -8.24 2.80 7.07
C ASN A 356 -9.34 3.34 7.95
N LEU A 357 -9.53 2.77 9.12
CA LEU A 357 -10.51 3.28 10.12
C LEU A 357 -10.24 4.77 10.37
N PHE A 358 -8.98 5.07 10.59
CA PHE A 358 -8.57 6.46 10.87
C PHE A 358 -8.88 7.37 9.70
N SER A 359 -8.51 6.97 8.51
CA SER A 359 -8.70 7.81 7.31
CA SER A 359 -8.69 7.86 7.34
C SER A 359 -10.18 8.04 7.05
N GLU A 360 -10.99 6.95 7.20
CA GLU A 360 -12.44 7.10 7.00
C GLU A 360 -12.98 8.15 7.98
N GLU A 361 -12.52 8.10 9.23
CA GLU A 361 -12.95 9.04 10.30
C GLU A 361 -12.53 10.46 10.04
N MET A 362 -11.31 10.65 9.52
CA MET A 362 -10.76 11.97 9.35
C MET A 362 -11.35 12.62 8.12
N THR A 363 -11.60 11.87 7.04
CA THR A 363 -12.05 12.49 5.79
C THR A 363 -13.58 12.68 5.73
N LYS A 364 -14.32 11.80 6.39
CA LYS A 364 -15.81 11.74 6.44
C LYS A 364 -16.40 11.76 5.05
N THR A 365 -15.72 11.13 4.10
CA THR A 365 -16.18 11.07 2.73
C THR A 365 -16.34 9.62 2.31
N VAL A 366 -17.42 9.28 1.62
CA VAL A 366 -17.60 7.83 1.26
C VAL A 366 -16.55 7.34 0.27
N THR A 367 -15.91 8.25 -0.47
CA THR A 367 -14.91 7.85 -1.44
C THR A 367 -13.64 7.27 -0.79
N THR A 368 -13.40 7.51 0.49
CA THR A 368 -12.29 6.89 1.15
C THR A 368 -12.35 5.32 1.15
N ARG A 369 -13.42 4.78 1.68
CA ARG A 369 -13.65 3.36 1.67
C ARG A 369 -13.71 2.85 0.20
N LEU A 370 -14.33 3.63 -0.70
CA LEU A 370 -14.36 3.17 -2.08
C LEU A 370 -13.01 3.00 -2.72
N SER A 371 -12.13 3.97 -2.40
CA SER A 371 -10.81 3.96 -2.93
C SER A 371 -10.03 2.70 -2.49
N HIS A 372 -10.26 2.28 -1.23
CA HIS A 372 -9.58 1.07 -0.69
C HIS A 372 -10.09 -0.16 -1.44
N VAL A 373 -11.38 -0.21 -1.67
CA VAL A 373 -12.00 -1.30 -2.39
C VAL A 373 -11.51 -1.34 -3.83
N ASP A 374 -11.41 -0.19 -4.49
CA ASP A 374 -10.94 -0.10 -5.87
C ASP A 374 -9.53 -0.67 -5.99
N LEU A 375 -8.67 -0.28 -5.05
CA LEU A 375 -7.30 -0.79 -5.03
CA LEU A 375 -7.30 -0.80 -4.95
C LEU A 375 -7.26 -2.33 -4.82
N LEU A 376 -8.02 -2.83 -3.87
CA LEU A 376 -8.04 -4.26 -3.62
C LEU A 376 -8.46 -5.01 -4.88
N ARG A 377 -9.61 -4.61 -5.42
CA ARG A 377 -10.22 -5.41 -6.51
C ARG A 377 -9.54 -5.30 -7.84
N SER A 378 -8.66 -4.32 -7.95
CA SER A 378 -7.84 -4.17 -9.14
C SER A 378 -6.52 -4.87 -8.84
N VAL A 379 -5.62 -4.26 -8.09
CA VAL A 379 -4.30 -4.82 -7.96
C VAL A 379 -4.24 -6.12 -7.18
N GLN A 380 -4.97 -6.19 -6.05
CA GLN A 380 -4.81 -7.38 -5.23
C GLN A 380 -5.48 -8.62 -5.82
N PHE A 381 -6.68 -8.43 -6.39
CA PHE A 381 -7.35 -9.52 -7.11
C PHE A 381 -6.48 -10.03 -8.31
N LEU A 382 -5.83 -9.14 -9.01
CA LEU A 382 -4.92 -9.54 -10.11
C LEU A 382 -3.83 -10.43 -9.53
N GLU A 383 -3.15 -9.94 -8.50
CA GLU A 383 -2.15 -10.75 -7.80
C GLU A 383 -2.64 -12.16 -7.39
N ASP A 384 -3.85 -12.20 -6.84
CA ASP A 384 -4.44 -13.44 -6.35
C ASP A 384 -4.87 -14.39 -7.41
N SER A 385 -4.96 -13.97 -8.68
CA SER A 385 -5.27 -14.85 -9.79
C SER A 385 -4.00 -15.14 -10.63
N SER A 386 -2.85 -14.63 -10.19
CA SER A 386 -1.60 -14.73 -10.91
C SER A 386 -0.80 -15.90 -10.36
N PRO A 387 0.29 -16.24 -11.07
CA PRO A 387 1.19 -17.26 -10.50
C PRO A 387 1.86 -16.85 -9.18
N LEU A 388 1.78 -15.57 -8.85
CA LEU A 388 2.32 -15.04 -7.57
C LEU A 388 1.36 -15.24 -6.35
N SER A 389 0.17 -15.72 -6.62
CA SER A 389 -0.86 -15.86 -5.60
C SER A 389 -0.38 -16.54 -4.35
N HIS A 390 -0.60 -15.91 -3.21
CA HIS A 390 -0.22 -16.45 -1.89
C HIS A 390 -1.29 -16.14 -0.89
N PRO A 391 -1.36 -16.98 0.16
CA PRO A 391 -2.24 -16.58 1.28
C PRO A 391 -1.63 -15.42 2.04
N ILE A 392 -2.42 -14.73 2.88
CA ILE A 392 -1.90 -13.63 3.61
C ILE A 392 -0.82 -13.98 4.63
N ARG A 393 -0.77 -15.26 5.02
CA ARG A 393 0.34 -15.87 5.77
C ARG A 393 0.99 -16.90 4.91
N PRO A 394 2.06 -16.51 4.20
CA PRO A 394 2.71 -17.46 3.26
C PRO A 394 3.33 -18.67 3.99
N GLU A 395 3.51 -19.75 3.24
CA GLU A 395 4.12 -20.97 3.72
C GLU A 395 5.65 -21.02 3.50
N SER A 396 6.19 -20.18 2.65
CA SER A 396 7.63 -20.20 2.30
C SER A 396 8.10 -18.99 1.60
N TYR A 397 9.40 -18.75 1.71
CA TYR A 397 10.04 -17.71 0.95
C TYR A 397 11.53 -17.96 0.71
N VAL A 398 12.06 -17.34 -0.34
CA VAL A 398 13.51 -17.17 -0.50
C VAL A 398 13.92 -15.81 -0.04
N SER A 399 13.34 -14.72 -0.57
CA SER A 399 13.62 -13.33 -0.10
C SER A 399 12.32 -12.88 0.59
N MET A 400 12.34 -12.68 1.92
CA MET A 400 11.13 -12.18 2.64
C MET A 400 10.63 -10.86 2.04
N GLU A 401 11.52 -10.12 1.42
CA GLU A 401 11.11 -8.85 0.89
C GLU A 401 10.04 -8.94 -0.19
N ASN A 402 9.96 -10.10 -0.88
CA ASN A 402 8.95 -10.26 -1.93
C ASN A 402 7.60 -10.57 -1.38
N PHE A 403 7.50 -10.65 -0.05
CA PHE A 403 6.17 -10.81 0.52
C PHE A 403 5.55 -9.52 1.15
N TYR A 404 6.13 -8.41 0.83
CA TYR A 404 5.54 -7.12 1.21
C TYR A 404 4.64 -6.77 0.04
N THR A 405 3.49 -7.41 0.03
CA THR A 405 2.56 -7.39 -1.09
C THR A 405 1.18 -6.81 -0.78
N THR A 406 0.45 -6.46 -1.83
CA THR A 406 -0.92 -5.99 -1.65
C THR A 406 -1.78 -7.11 -1.02
N THR A 407 -1.38 -8.38 -1.29
CA THR A 407 -2.10 -9.45 -0.58
C THR A 407 -1.91 -9.34 0.93
N VAL A 408 -0.66 -9.32 1.35
CA VAL A 408 -0.36 -9.26 2.80
C VAL A 408 -0.90 -7.98 3.45
N TYR A 409 -0.81 -6.86 2.75
CA TYR A 409 -1.24 -5.62 3.26
C TYR A 409 -2.77 -5.42 3.16
N ASP A 410 -3.27 -5.45 1.93
CA ASP A 410 -4.64 -4.99 1.64
C ASP A 410 -5.63 -6.11 1.80
N LYS A 411 -5.35 -7.31 1.31
CA LYS A 411 -6.25 -8.44 1.68
C LYS A 411 -6.14 -8.69 3.20
N GLY A 412 -4.94 -8.61 3.74
CA GLY A 412 -4.80 -8.69 5.17
C GLY A 412 -5.64 -7.71 5.92
N SER A 413 -5.66 -6.49 5.43
CA SER A 413 -6.52 -5.48 6.11
C SER A 413 -7.98 -5.85 6.04
N GLU A 414 -8.43 -6.43 4.92
CA GLU A 414 -9.86 -6.81 4.81
C GLU A 414 -10.21 -7.99 5.69
N VAL A 415 -9.23 -8.88 5.88
CA VAL A 415 -9.37 -9.98 6.85
C VAL A 415 -9.42 -9.41 8.25
N MET A 416 -8.62 -8.39 8.55
CA MET A 416 -8.65 -7.77 9.90
C MET A 416 -9.99 -6.99 10.10
N ARG A 417 -10.49 -6.39 9.05
CA ARG A 417 -11.71 -5.64 9.11
C ARG A 417 -12.96 -6.55 9.26
N MET A 418 -12.92 -7.77 8.70
CA MET A 418 -14.05 -8.65 8.86
C MET A 418 -14.33 -9.01 10.32
N TYR A 419 -13.30 -9.03 11.16
CA TYR A 419 -13.53 -9.27 12.58
C TYR A 419 -14.45 -8.15 13.16
N LEU A 420 -14.21 -6.90 12.77
CA LEU A 420 -15.04 -5.81 13.23
C LEU A 420 -16.45 -5.98 12.73
N THR A 421 -16.59 -6.38 11.47
CA THR A 421 -17.95 -6.60 10.93
C THR A 421 -18.70 -7.66 11.68
N ILE A 422 -18.03 -8.77 11.92
CA ILE A 422 -18.62 -9.97 12.61
C ILE A 422 -18.96 -9.58 14.06
N LEU A 423 -18.07 -8.89 14.74
CA LEU A 423 -18.23 -8.60 16.19
C LEU A 423 -19.03 -7.39 16.55
N GLY A 424 -19.08 -6.40 15.69
CA GLY A 424 -19.50 -5.02 16.03
C GLY A 424 -18.47 -4.30 16.85
N GLU A 425 -18.65 -3.01 17.00
CA GLU A 425 -17.58 -2.13 17.52
C GLU A 425 -17.27 -2.51 18.95
N GLU A 426 -18.30 -2.69 19.79
CA GLU A 426 -18.02 -2.90 21.19
C GLU A 426 -17.22 -4.18 21.47
N TYR A 427 -17.68 -5.32 20.91
CA TYR A 427 -16.98 -6.59 21.06
C TYR A 427 -15.65 -6.63 20.28
N TYR A 428 -15.58 -5.92 19.17
CA TYR A 428 -14.24 -5.79 18.43
C TYR A 428 -13.22 -5.10 19.35
N LYS A 429 -13.62 -3.98 19.91
CA LYS A 429 -12.72 -3.25 20.85
C LYS A 429 -12.26 -4.17 22.00
N LYS A 430 -13.16 -4.98 22.53
CA LYS A 430 -12.80 -5.92 23.62
C LYS A 430 -11.75 -6.94 23.18
N GLY A 431 -12.00 -7.55 22.01
CA GLY A 431 -11.05 -8.53 21.49
C GLY A 431 -9.66 -7.98 21.22
N PHE A 432 -9.66 -6.80 20.62
CA PHE A 432 -8.39 -6.08 20.29
C PHE A 432 -7.65 -5.79 21.59
N ASP A 433 -8.37 -5.33 22.61
CA ASP A 433 -7.70 -5.10 23.92
C ASP A 433 -7.13 -6.36 24.57
N ILE A 434 -7.84 -7.49 24.48
CA ILE A 434 -7.27 -8.79 24.88
C ILE A 434 -5.94 -9.08 24.22
N TYR A 435 -5.88 -8.87 22.89
CA TYR A 435 -4.70 -9.11 22.13
C TYR A 435 -3.57 -8.22 22.51
N ILE A 436 -3.85 -6.93 22.61
CA ILE A 436 -2.78 -5.98 22.75
C ILE A 436 -2.17 -6.03 24.13
N LYS A 437 -2.99 -6.39 25.11
CA LYS A 437 -2.48 -6.44 26.48
C LYS A 437 -1.75 -7.73 26.77
N LYS A 438 -2.34 -8.84 26.32
CA LYS A 438 -1.77 -10.14 26.58
C LYS A 438 -0.35 -10.26 26.06
N ASN A 439 -0.10 -9.68 24.87
CA ASN A 439 1.12 -9.88 24.11
C ASN A 439 2.05 -8.67 24.18
N ASP A 440 1.67 -7.69 25.01
CA ASP A 440 2.53 -6.48 25.21
C ASP A 440 3.97 -6.80 25.55
N GLY A 441 4.88 -6.13 24.85
CA GLY A 441 6.29 -6.33 25.08
C GLY A 441 6.87 -7.62 24.57
N ASN A 442 6.08 -8.34 23.74
CA ASN A 442 6.46 -9.62 23.24
C ASN A 442 6.15 -9.82 21.77
N THR A 443 6.54 -10.99 21.28
CA THR A 443 6.14 -11.39 19.92
C THR A 443 4.76 -11.96 19.90
N ALA A 444 4.16 -12.06 18.69
CA ALA A 444 2.87 -12.72 18.53
C ALA A 444 2.76 -13.35 17.17
N THR A 445 1.72 -14.16 17.05
CA THR A 445 1.40 -14.87 15.79
C THR A 445 -0.03 -14.56 15.35
N CYS A 446 -0.34 -14.86 14.09
CA CYS A 446 -1.72 -14.68 13.64
C CYS A 446 -2.71 -15.43 14.55
N GLU A 447 -2.32 -16.64 15.03
CA GLU A 447 -3.16 -17.42 15.96
C GLU A 447 -3.48 -16.67 17.21
N ASP A 448 -2.50 -15.93 17.83
CA ASP A 448 -2.78 -15.12 18.97
C ASP A 448 -3.88 -14.09 18.71
N PHE A 449 -3.86 -13.50 17.52
CA PHE A 449 -4.92 -12.53 17.23
C PHE A 449 -6.29 -13.21 17.11
N ASN A 450 -6.30 -14.30 16.37
CA ASN A 450 -7.58 -15.06 16.18
C ASN A 450 -8.19 -15.56 17.51
N TYR A 451 -7.31 -15.95 18.43
CA TYR A 451 -7.71 -16.36 19.79
C TYR A 451 -8.31 -15.26 20.58
N ALA A 452 -7.73 -14.05 20.50
CA ALA A 452 -8.33 -12.90 21.17
C ALA A 452 -9.70 -12.56 20.60
N MET A 453 -9.80 -12.61 19.27
CA MET A 453 -11.07 -12.27 18.58
C MET A 453 -12.10 -13.37 18.96
N GLU A 454 -11.62 -14.60 19.05
CA GLU A 454 -12.51 -15.71 19.46
C GLU A 454 -13.02 -15.56 20.88
N GLN A 455 -12.19 -15.04 21.79
CA GLN A 455 -12.77 -14.70 23.14
C GLN A 455 -13.89 -13.70 23.11
N ALA A 456 -13.75 -12.66 22.28
CA ALA A 456 -14.83 -11.70 22.09
C ALA A 456 -16.07 -12.31 21.43
N TYR A 457 -15.83 -13.22 20.49
CA TYR A 457 -16.93 -13.84 19.77
C TYR A 457 -17.81 -14.68 20.73
N LYS A 458 -17.14 -15.44 21.57
CA LYS A 458 -17.85 -16.21 22.63
C LYS A 458 -18.70 -15.33 23.51
N MET A 459 -18.15 -14.20 23.95
CA MET A 459 -18.87 -13.21 24.75
C MET A 459 -20.06 -12.65 23.96
N LYS A 460 -19.85 -12.34 22.68
CA LYS A 460 -20.90 -11.75 21.84
C LYS A 460 -22.07 -12.72 21.68
N LYS A 461 -21.72 -13.98 21.43
CA LYS A 461 -22.71 -15.06 21.19
C LYS A 461 -23.30 -15.61 22.50
N ALA A 462 -22.86 -15.06 23.65
CA ALA A 462 -23.00 -15.65 25.02
C ALA A 462 -22.97 -17.17 25.06
N ASP A 463 -21.94 -17.73 24.44
CA ASP A 463 -21.83 -19.17 24.23
C ASP A 463 -20.34 -19.53 24.21
N ASN A 464 -19.82 -20.05 25.32
CA ASN A 464 -18.41 -20.42 25.39
C ASN A 464 -18.03 -21.65 24.53
N SER A 465 -18.94 -22.20 23.75
CA SER A 465 -18.63 -23.24 22.73
C SER A 465 -18.48 -22.69 21.30
N ALA A 466 -18.87 -21.44 21.05
CA ALA A 466 -18.64 -20.81 19.74
C ALA A 466 -17.13 -20.73 19.50
N ASN A 467 -16.70 -20.85 18.24
CA ASN A 467 -15.29 -20.75 17.91
C ASN A 467 -15.05 -20.16 16.53
N LEU A 468 -13.82 -19.69 16.34
CA LEU A 468 -13.39 -19.10 15.09
C LEU A 468 -12.36 -19.93 14.41
N ASN A 469 -12.41 -21.26 14.60
CA ASN A 469 -11.42 -22.08 13.98
CA ASN A 469 -11.42 -22.12 13.95
C ASN A 469 -11.46 -22.02 12.44
N GLN A 470 -12.69 -21.97 11.89
CA GLN A 470 -12.82 -21.82 10.44
C GLN A 470 -12.18 -20.52 9.89
N TYR A 471 -12.19 -19.49 10.73
CA TYR A 471 -11.68 -18.17 10.36
C TYR A 471 -10.23 -18.23 9.93
N LEU A 472 -9.45 -19.14 10.52
CA LEU A 472 -8.03 -19.28 10.20
C LEU A 472 -7.75 -19.56 8.77
N LEU A 473 -8.75 -20.11 8.05
CA LEU A 473 -8.60 -20.35 6.64
C LEU A 473 -8.40 -19.03 5.88
N TRP A 474 -8.84 -17.89 6.40
CA TRP A 474 -8.50 -16.65 5.75
C TRP A 474 -6.99 -16.32 5.76
N PHE A 475 -6.25 -16.91 6.71
CA PHE A 475 -4.79 -16.70 6.77
C PHE A 475 -4.05 -17.70 5.88
N SER A 476 -4.55 -18.94 5.77
CA SER A 476 -3.87 -20.00 5.06
C SER A 476 -4.29 -20.28 3.64
N GLN A 477 -5.52 -19.90 3.24
CA GLN A 477 -6.02 -20.21 1.91
C GLN A 477 -5.84 -19.06 0.95
N SER A 478 -5.21 -19.35 -0.15
CA SER A 478 -5.01 -18.30 -1.17
C SER A 478 -6.18 -18.22 -2.09
N GLY A 479 -6.23 -17.16 -2.87
CA GLY A 479 -7.22 -16.93 -3.91
C GLY A 479 -8.42 -16.18 -3.41
N THR A 480 -9.12 -15.59 -4.36
CA THR A 480 -10.34 -14.80 -4.04
C THR A 480 -11.57 -15.64 -4.13
N PRO A 481 -12.39 -15.73 -3.05
CA PRO A 481 -13.69 -16.44 -3.16
C PRO A 481 -14.63 -15.75 -4.13
N HIS A 482 -15.47 -16.53 -4.82
CA HIS A 482 -16.55 -16.05 -5.67
C HIS A 482 -17.86 -16.34 -4.91
N VAL A 483 -18.66 -15.30 -4.66
CA VAL A 483 -19.93 -15.46 -3.99
C VAL A 483 -21.03 -15.08 -4.94
N SER A 484 -21.99 -15.97 -5.14
CA SER A 484 -23.12 -15.82 -6.08
C SER A 484 -24.43 -16.06 -5.40
N PHE A 485 -25.46 -15.52 -5.98
CA PHE A 485 -26.76 -15.43 -5.32
C PHE A 485 -27.90 -15.85 -6.26
N LYS A 486 -28.95 -16.40 -5.63
CA LYS A 486 -30.23 -16.58 -6.27
C LYS A 486 -31.31 -16.10 -5.30
N TYR A 487 -32.35 -15.53 -5.88
CA TYR A 487 -33.45 -14.94 -5.03
C TYR A 487 -34.80 -15.54 -5.33
N ASN A 488 -35.64 -15.62 -4.30
CA ASN A 488 -37.09 -16.02 -4.49
CA ASN A 488 -37.03 -16.05 -4.47
C ASN A 488 -37.97 -15.27 -3.53
N TYR A 489 -39.11 -14.81 -4.05
CA TYR A 489 -40.08 -14.04 -3.25
C TYR A 489 -41.45 -14.77 -3.38
N ASP A 490 -42.07 -15.02 -2.28
CA ASP A 490 -43.40 -15.61 -2.18
C ASP A 490 -44.33 -14.51 -1.65
N ALA A 491 -45.10 -13.94 -2.60
CA ALA A 491 -45.99 -12.78 -2.32
C ALA A 491 -47.12 -13.08 -1.34
N GLU A 492 -47.61 -14.31 -1.34
CA GLU A 492 -48.71 -14.71 -0.43
C GLU A 492 -48.19 -14.81 1.02
N LYS A 493 -46.98 -15.34 1.17
CA LYS A 493 -46.38 -15.45 2.44
C LYS A 493 -45.57 -14.24 2.91
N LYS A 494 -45.32 -13.26 2.02
CA LYS A 494 -44.45 -12.13 2.32
C LYS A 494 -43.08 -12.61 2.83
N GLN A 495 -42.52 -13.59 2.09
CA GLN A 495 -41.33 -14.26 2.55
C GLN A 495 -40.28 -14.29 1.34
N TYR A 496 -39.08 -13.90 1.68
CA TYR A 496 -38.00 -13.70 0.74
C TYR A 496 -36.80 -14.53 1.11
N SER A 497 -36.18 -15.15 0.11
CA SER A 497 -34.98 -15.93 0.38
C SER A 497 -33.83 -15.51 -0.51
N ILE A 498 -32.66 -15.56 0.07
CA ILE A 498 -31.37 -15.29 -0.60
C ILE A 498 -30.59 -16.57 -0.45
N HIS A 499 -30.32 -17.26 -1.56
CA HIS A 499 -29.55 -18.45 -1.56
C HIS A 499 -28.13 -18.06 -2.02
N VAL A 500 -27.11 -18.48 -1.31
CA VAL A 500 -25.77 -17.98 -1.48
C VAL A 500 -24.84 -19.15 -1.65
N ASN A 501 -23.94 -19.05 -2.63
CA ASN A 501 -22.90 -20.04 -2.83
C ASN A 501 -21.52 -19.41 -2.83
N GLN A 502 -20.54 -20.13 -2.28
CA GLN A 502 -19.13 -19.63 -2.40
C GLN A 502 -18.26 -20.71 -3.02
N TYR A 503 -17.30 -20.21 -3.80
CA TYR A 503 -16.32 -21.06 -4.57
C TYR A 503 -15.03 -20.35 -4.55
N THR A 504 -13.94 -21.08 -4.29
CA THR A 504 -12.61 -20.53 -4.52
C THR A 504 -11.95 -21.46 -5.52
N LYS A 505 -11.35 -20.90 -6.56
CA LYS A 505 -10.64 -21.71 -7.57
C LYS A 505 -9.41 -22.38 -7.04
N PRO A 506 -9.28 -23.71 -7.26
CA PRO A 506 -8.07 -24.37 -6.89
C PRO A 506 -6.81 -23.71 -7.52
N ASP A 507 -5.67 -23.85 -6.81
CA ASP A 507 -4.45 -23.20 -7.30
C ASP A 507 -3.24 -23.99 -6.83
N GLU A 508 -2.06 -23.41 -6.99
CA GLU A 508 -0.81 -24.09 -6.60
C GLU A 508 -0.64 -24.26 -5.11
N ASN A 509 -1.31 -23.47 -4.31
CA ASN A 509 -1.24 -23.52 -2.88
C ASN A 509 -2.16 -24.53 -2.22
N GLN A 510 -3.35 -24.69 -2.77
CA GLN A 510 -4.30 -25.71 -2.39
C GLN A 510 -5.04 -26.25 -3.60
N LYS A 511 -4.92 -27.55 -3.78
CA LYS A 511 -5.70 -28.26 -4.84
C LYS A 511 -7.16 -28.42 -4.49
N GLU A 512 -7.49 -28.38 -3.19
CA GLU A 512 -8.87 -28.46 -2.71
C GLU A 512 -9.14 -27.27 -1.80
N LYS A 513 -10.10 -26.44 -2.14
CA LYS A 513 -10.36 -25.23 -1.36
C LYS A 513 -11.53 -25.44 -0.48
N LYS A 514 -11.43 -24.97 0.74
CA LYS A 514 -12.50 -25.12 1.75
C LYS A 514 -13.34 -23.86 1.85
N PRO A 515 -14.59 -24.00 2.30
CA PRO A 515 -15.40 -22.80 2.49
C PRO A 515 -14.89 -21.95 3.64
N LEU A 516 -15.02 -20.65 3.47
CA LEU A 516 -14.61 -19.67 4.45
C LEU A 516 -15.77 -19.17 5.27
N PHE A 517 -15.47 -18.50 6.38
CA PHE A 517 -16.47 -17.74 7.15
C PHE A 517 -16.62 -16.38 6.50
N ILE A 518 -17.71 -16.16 5.74
CA ILE A 518 -17.87 -14.95 4.95
C ILE A 518 -19.03 -14.15 5.56
N PRO A 519 -18.74 -12.98 6.10
CA PRO A 519 -19.81 -12.12 6.59
C PRO A 519 -20.42 -11.30 5.47
N ILE A 520 -21.76 -11.37 5.32
CA ILE A 520 -22.45 -10.70 4.21
C ILE A 520 -23.38 -9.64 4.75
N SER A 521 -22.95 -8.37 4.79
CA SER A 521 -23.78 -7.27 5.30
CA SER A 521 -23.81 -7.30 5.30
C SER A 521 -24.86 -7.00 4.25
N VAL A 522 -26.14 -6.95 4.66
CA VAL A 522 -27.21 -6.93 3.70
C VAL A 522 -28.30 -5.96 4.14
N GLY A 523 -28.88 -5.35 3.14
CA GLY A 523 -30.14 -4.64 3.22
C GLY A 523 -31.09 -5.06 2.13
N LEU A 524 -32.31 -4.55 2.23
CA LEU A 524 -33.35 -4.90 1.22
C LEU A 524 -34.08 -3.60 0.89
N ILE A 525 -34.12 -3.27 -0.41
CA ILE A 525 -34.64 -2.02 -0.88
C ILE A 525 -36.01 -2.33 -1.57
N ASN A 526 -37.00 -1.52 -1.20
CA ASN A 526 -38.27 -1.58 -1.87
C ASN A 526 -38.17 -0.81 -3.25
N PRO A 527 -38.38 -1.51 -4.38
CA PRO A 527 -38.10 -0.91 -5.68
C PRO A 527 -39.15 0.07 -6.08
N GLU A 528 -40.28 -0.02 -5.40
CA GLU A 528 -41.40 0.87 -5.70
C GLU A 528 -41.22 2.30 -5.13
N ASN A 529 -40.62 2.45 -3.94
CA ASN A 529 -40.38 3.71 -3.26
C ASN A 529 -38.92 3.98 -2.94
N GLY A 530 -38.01 3.04 -3.27
CA GLY A 530 -36.62 3.21 -2.88
C GLY A 530 -36.23 3.14 -1.43
N LYS A 531 -37.10 2.71 -0.54
CA LYS A 531 -36.79 2.70 0.91
C LYS A 531 -36.28 1.35 1.44
N GLU A 532 -35.58 1.40 2.57
CA GLU A 532 -35.09 0.26 3.34
C GLU A 532 -36.23 -0.56 3.90
N MET A 533 -36.09 -1.87 3.84
CA MET A 533 -37.16 -2.77 4.26
C MET A 533 -36.82 -3.57 5.49
N ILE A 534 -35.55 -3.68 5.84
CA ILE A 534 -35.07 -4.39 7.03
C ILE A 534 -34.01 -3.57 7.76
N SER A 535 -33.87 -3.85 9.05
CA SER A 535 -32.69 -3.39 9.82
C SER A 535 -31.48 -4.00 9.15
N GLN A 536 -30.45 -3.26 8.86
CA GLN A 536 -29.32 -3.97 8.26
C GLN A 536 -28.85 -5.15 9.17
N THR A 537 -28.39 -6.20 8.53
CA THR A 537 -28.07 -7.43 9.17
C THR A 537 -26.84 -7.99 8.52
N THR A 538 -26.14 -8.88 9.23
CA THR A 538 -24.95 -9.49 8.70
C THR A 538 -25.17 -10.99 8.66
N LEU A 539 -25.30 -11.54 7.46
CA LEU A 539 -25.43 -12.99 7.22
C LEU A 539 -24.08 -13.67 7.43
N GLU A 540 -24.03 -14.76 8.17
CA GLU A 540 -22.77 -15.42 8.42
C GLU A 540 -22.80 -16.70 7.59
N LEU A 541 -22.19 -16.67 6.43
CA LEU A 541 -22.11 -17.81 5.55
C LEU A 541 -20.88 -18.62 5.99
N THR A 542 -21.09 -19.87 6.37
CA THR A 542 -19.99 -20.71 6.76
C THR A 542 -19.86 -21.94 5.93
N LYS A 543 -20.86 -22.32 5.18
CA LYS A 543 -20.84 -23.49 4.34
C LYS A 543 -20.60 -23.08 2.89
N GLU A 544 -20.41 -24.11 2.05
CA GLU A 544 -20.32 -23.87 0.65
C GLU A 544 -21.55 -23.20 0.08
N SER A 545 -22.71 -23.49 0.64
CA SER A 545 -23.94 -22.75 0.24
C SER A 545 -24.95 -22.74 1.37
N ASP A 546 -25.85 -21.77 1.35
CA ASP A 546 -26.79 -21.65 2.43
C ASP A 546 -27.92 -20.80 1.90
N THR A 547 -29.14 -20.90 2.47
CA THR A 547 -30.26 -20.07 2.10
C THR A 547 -30.75 -19.34 3.34
N PHE A 548 -30.78 -18.01 3.23
CA PHE A 548 -31.21 -17.11 4.31
C PHE A 548 -32.59 -16.61 3.97
N VAL A 549 -33.53 -16.78 4.93
CA VAL A 549 -34.95 -16.48 4.69
C VAL A 549 -35.39 -15.34 5.62
N PHE A 550 -36.16 -14.46 5.04
CA PHE A 550 -36.71 -13.29 5.74
C PHE A 550 -38.22 -13.28 5.64
N ASN A 551 -38.87 -13.11 6.80
CA ASN A 551 -40.33 -12.94 6.83
C ASN A 551 -40.76 -11.47 6.93
N ASN A 552 -42.06 -11.23 6.75
CA ASN A 552 -42.69 -9.84 6.85
C ASN A 552 -41.99 -8.88 5.85
N ILE A 553 -41.74 -9.44 4.68
CA ILE A 553 -41.19 -8.70 3.51
C ILE A 553 -42.34 -8.38 2.61
N ALA A 554 -42.75 -7.13 2.61
CA ALA A 554 -44.09 -6.80 2.11
C ALA A 554 -44.25 -6.76 0.61
N VAL A 555 -43.17 -6.50 -0.13
CA VAL A 555 -43.12 -6.59 -1.58
C VAL A 555 -41.83 -7.20 -1.99
N LYS A 556 -41.73 -7.61 -3.23
CA LYS A 556 -40.49 -8.22 -3.71
C LYS A 556 -39.36 -7.15 -3.64
N PRO A 557 -38.27 -7.41 -2.94
CA PRO A 557 -37.21 -6.42 -2.79
C PRO A 557 -36.13 -6.51 -3.83
N ILE A 558 -35.22 -5.53 -3.80
CA ILE A 558 -33.95 -5.65 -4.53
C ILE A 558 -32.93 -5.71 -3.40
N PRO A 559 -32.12 -6.79 -3.39
CA PRO A 559 -31.18 -6.94 -2.27
C PRO A 559 -29.98 -6.03 -2.41
N SER A 560 -29.48 -5.51 -1.29
CA SER A 560 -28.31 -4.64 -1.24
C SER A 560 -27.22 -5.45 -0.51
N LEU A 561 -26.35 -6.09 -1.30
CA LEU A 561 -25.45 -7.16 -0.83
C LEU A 561 -24.01 -6.73 -0.62
N PHE A 562 -23.43 -7.26 0.42
CA PHE A 562 -22.02 -6.95 0.79
C PHE A 562 -21.83 -5.46 1.03
N ARG A 563 -22.73 -4.87 1.80
CA ARG A 563 -22.64 -3.46 2.14
C ARG A 563 -21.29 -3.15 2.80
N GLY A 564 -20.74 -2.02 2.36
CA GLY A 564 -19.42 -1.61 2.79
C GLY A 564 -18.28 -2.47 2.24
N PHE A 565 -18.61 -3.36 1.29
CA PHE A 565 -17.70 -4.46 0.79
C PHE A 565 -17.24 -5.30 1.98
N SER A 566 -18.17 -6.11 2.49
CA SER A 566 -18.04 -6.76 3.77
C SER A 566 -17.17 -7.99 3.75
N ALA A 567 -16.70 -8.47 2.58
CA ALA A 567 -15.68 -9.49 2.56
C ALA A 567 -14.93 -9.34 1.29
N PRO A 568 -13.70 -9.85 1.24
CA PRO A 568 -12.84 -9.60 0.02
C PRO A 568 -13.08 -10.70 -1.01
N VAL A 569 -14.16 -10.53 -1.78
CA VAL A 569 -14.62 -11.54 -2.67
C VAL A 569 -15.06 -10.97 -4.05
N TYR A 570 -15.20 -11.86 -5.03
CA TYR A 570 -15.87 -11.54 -6.27
C TYR A 570 -17.36 -11.69 -6.00
N ILE A 571 -18.16 -10.67 -6.29
CA ILE A 571 -19.63 -10.73 -6.04
C ILE A 571 -20.30 -10.93 -7.37
N GLU A 572 -21.18 -11.92 -7.44
CA GLU A 572 -22.04 -12.13 -8.61
C GLU A 572 -23.42 -11.90 -8.14
N ASP A 573 -23.93 -10.68 -8.36
CA ASP A 573 -25.20 -10.28 -7.78
C ASP A 573 -26.43 -10.90 -8.44
N ASN A 574 -26.28 -11.44 -9.65
CA ASN A 574 -27.38 -11.98 -10.45
CA ASN A 574 -27.43 -11.99 -10.36
C ASN A 574 -28.59 -11.00 -10.52
N LEU A 575 -28.30 -9.71 -10.54
CA LEU A 575 -29.34 -8.66 -10.69
C LEU A 575 -29.42 -8.24 -12.13
N THR A 576 -30.62 -7.81 -12.57
CA THR A 576 -30.74 -7.17 -13.89
C THR A 576 -30.13 -5.79 -13.86
N ASP A 577 -29.87 -5.25 -15.06
CA ASP A 577 -29.42 -3.86 -15.08
C ASP A 577 -30.49 -2.89 -14.55
N GLU A 578 -31.77 -3.26 -14.74
CA GLU A 578 -32.84 -2.38 -14.17
C GLU A 578 -32.77 -2.36 -12.63
N GLU A 579 -32.58 -3.53 -12.02
CA GLU A 579 -32.41 -3.60 -10.56
C GLU A 579 -31.14 -2.87 -10.09
N ARG A 580 -30.06 -3.04 -10.84
CA ARG A 580 -28.80 -2.32 -10.50
C ARG A 580 -28.96 -0.79 -10.55
N ILE A 581 -29.70 -0.30 -11.55
CA ILE A 581 -29.98 1.13 -11.65
C ILE A 581 -30.78 1.64 -10.45
N LEU A 582 -31.76 0.85 -9.99
CA LEU A 582 -32.55 1.24 -8.82
C LEU A 582 -31.70 1.32 -7.57
N LEU A 583 -30.70 0.42 -7.40
CA LEU A 583 -29.85 0.51 -6.27
C LEU A 583 -28.91 1.71 -6.43
N LEU A 584 -28.39 1.90 -7.63
CA LEU A 584 -27.50 3.06 -7.85
C LEU A 584 -28.21 4.34 -7.46
N LYS A 585 -29.49 4.46 -7.82
CA LYS A 585 -30.20 5.71 -7.46
C LYS A 585 -30.60 5.81 -6.01
N TYR A 586 -31.06 4.74 -5.41
CA TYR A 586 -31.83 4.79 -4.20
C TYR A 586 -31.26 4.07 -3.02
N ASP A 587 -30.25 3.17 -3.19
CA ASP A 587 -29.73 2.48 -1.99
C ASP A 587 -29.00 3.44 -1.08
N SER A 588 -28.87 3.06 0.18
CA SER A 588 -28.17 3.85 1.16
C SER A 588 -26.67 3.63 1.15
N ASP A 589 -26.21 2.43 0.76
CA ASP A 589 -24.82 2.07 0.94
C ASP A 589 -23.98 2.47 -0.25
N ALA A 590 -22.94 3.26 -0.02
CA ALA A 590 -22.15 3.78 -1.11
C ALA A 590 -21.47 2.68 -1.89
N PHE A 591 -20.95 1.65 -1.21
CA PHE A 591 -20.28 0.57 -1.96
C PHE A 591 -21.29 -0.17 -2.87
N VAL A 592 -22.48 -0.50 -2.36
CA VAL A 592 -23.42 -1.25 -3.21
C VAL A 592 -23.83 -0.39 -4.39
N ARG A 593 -24.01 0.90 -4.17
CA ARG A 593 -24.35 1.77 -5.28
C ARG A 593 -23.26 1.81 -6.39
N TYR A 594 -22.04 2.01 -5.94
CA TYR A 594 -20.85 1.95 -6.76
C TYR A 594 -20.70 0.57 -7.42
N ASN A 595 -20.88 -0.53 -6.68
CA ASN A 595 -20.71 -1.84 -7.25
C ASN A 595 -21.79 -2.15 -8.27
N SER A 596 -23.02 -1.68 -8.04
CA SER A 596 -24.13 -1.89 -9.02
C SER A 596 -23.77 -1.21 -10.31
N CYS A 597 -23.25 0.03 -10.22
CA CYS A 597 -22.71 0.77 -11.40
C CYS A 597 -21.55 0.00 -12.10
N THR A 598 -20.62 -0.47 -11.26
CA THR A 598 -19.51 -1.29 -11.73
C THR A 598 -19.98 -2.49 -12.54
N ASN A 599 -20.97 -3.18 -12.01
CA ASN A 599 -21.52 -4.34 -12.65
C ASN A 599 -22.19 -4.08 -13.98
N ILE A 600 -22.90 -2.93 -14.08
CA ILE A 600 -23.52 -2.54 -15.35
C ILE A 600 -22.42 -2.24 -16.35
N TYR A 601 -21.37 -1.55 -15.94
CA TYR A 601 -20.26 -1.32 -16.84
C TYR A 601 -19.60 -2.64 -17.24
N MET A 602 -19.40 -3.56 -16.31
CA MET A 602 -18.68 -4.81 -16.66
C MET A 602 -19.48 -5.60 -17.65
N LYS A 603 -20.81 -5.68 -17.50
CA LYS A 603 -21.64 -6.42 -18.43
C LYS A 603 -21.48 -5.85 -19.86
N GLN A 604 -21.48 -4.53 -19.91
CA GLN A 604 -21.35 -3.80 -21.20
C GLN A 604 -19.95 -4.06 -21.76
N ILE A 605 -18.91 -3.96 -20.91
CA ILE A 605 -17.52 -4.08 -21.40
C ILE A 605 -17.31 -5.49 -21.99
N LEU A 606 -17.77 -6.49 -21.24
CA LEU A 606 -17.54 -7.86 -21.74
C LEU A 606 -18.31 -8.11 -23.06
N MET A 607 -19.55 -7.58 -23.14
CA MET A 607 -20.35 -7.79 -24.36
C MET A 607 -19.70 -7.12 -25.58
N ASN A 608 -19.31 -5.84 -25.44
CA ASN A 608 -18.66 -5.08 -26.52
C ASN A 608 -17.32 -5.66 -26.81
N TYR A 609 -16.57 -6.08 -25.77
CA TYR A 609 -15.26 -6.72 -26.02
C TYR A 609 -15.42 -7.96 -26.90
N ASN A 610 -16.42 -8.78 -26.58
CA ASN A 610 -16.62 -10.01 -27.35
C ASN A 610 -17.04 -9.65 -28.81
N GLU A 611 -17.89 -8.64 -28.95
CA GLU A 611 -18.30 -8.15 -30.31
C GLU A 611 -17.14 -7.69 -31.14
N PHE A 612 -16.30 -6.83 -30.59
CA PHE A 612 -15.08 -6.37 -31.25
C PHE A 612 -14.12 -7.52 -31.53
N LEU A 613 -13.98 -8.41 -30.57
CA LEU A 613 -13.05 -9.54 -30.73
C LEU A 613 -13.45 -10.46 -31.86
N LYS A 614 -14.71 -10.78 -31.89
CA LYS A 614 -15.20 -11.65 -32.98
C LYS A 614 -15.01 -11.00 -34.33
N ALA A 615 -15.29 -9.69 -34.40
CA ALA A 615 -15.10 -8.91 -35.65
C ALA A 615 -13.68 -8.91 -36.16
N LYS A 616 -12.73 -8.80 -35.23
CA LYS A 616 -11.30 -8.73 -35.52
C LYS A 616 -10.87 -10.12 -36.00
N ASN A 617 -11.28 -11.14 -35.29
CA ASN A 617 -10.69 -12.50 -35.54
C ASN A 617 -11.33 -13.09 -36.74
N GLU A 618 -12.60 -12.74 -36.97
CA GLU A 618 -13.29 -13.22 -38.17
C GLU A 618 -13.08 -12.34 -39.41
N LYS A 619 -12.34 -11.24 -39.26
CA LYS A 619 -12.12 -10.26 -40.31
C LYS A 619 -13.42 -9.78 -40.96
N LEU A 620 -14.43 -9.46 -40.14
CA LEU A 620 -15.71 -9.09 -40.65
C LEU A 620 -15.64 -7.70 -41.31
N GLU A 621 -16.49 -7.53 -42.31
CA GLU A 621 -16.55 -6.20 -42.98
C GLU A 621 -17.58 -5.29 -42.28
N SER A 622 -18.51 -5.88 -41.54
CA SER A 622 -19.53 -5.09 -40.78
C SER A 622 -20.01 -5.96 -39.62
N PHE A 623 -20.55 -5.34 -38.55
CA PHE A 623 -20.98 -6.07 -37.38
C PHE A 623 -21.69 -5.07 -36.49
N ASN A 624 -22.27 -5.54 -35.42
CA ASN A 624 -22.98 -4.68 -34.54
C ASN A 624 -22.29 -4.56 -33.17
N LEU A 625 -22.61 -3.46 -32.44
CA LEU A 625 -22.18 -3.33 -31.10
C LEU A 625 -23.47 -3.09 -30.27
N THR A 626 -23.53 -3.70 -29.11
CA THR A 626 -24.61 -3.50 -28.18
C THR A 626 -24.47 -2.09 -27.59
N PRO A 627 -25.50 -1.25 -27.66
CA PRO A 627 -25.37 0.09 -27.10
C PRO A 627 -25.38 0.05 -25.60
N VAL A 628 -24.82 1.11 -25.02
CA VAL A 628 -24.87 1.27 -23.55
C VAL A 628 -26.33 1.47 -23.15
N ASN A 629 -26.80 0.88 -22.07
CA ASN A 629 -28.19 0.96 -21.59
C ASN A 629 -28.59 2.43 -21.36
N ALA A 630 -29.69 2.85 -22.04
CA ALA A 630 -30.10 4.22 -22.07
C ALA A 630 -30.63 4.67 -20.71
N GLN A 631 -31.25 3.75 -19.98
CA GLN A 631 -31.75 4.01 -18.62
C GLN A 631 -30.60 4.20 -17.61
N PHE A 632 -29.48 3.51 -17.84
CA PHE A 632 -28.31 3.70 -17.02
C PHE A 632 -27.74 5.10 -17.27
N ILE A 633 -27.67 5.51 -18.53
CA ILE A 633 -27.17 6.80 -18.83
C ILE A 633 -28.06 7.90 -18.16
N ASP A 634 -29.38 7.74 -18.30
CA ASP A 634 -30.35 8.63 -17.62
C ASP A 634 -30.08 8.68 -16.10
N ALA A 635 -29.79 7.54 -15.49
CA ALA A 635 -29.43 7.46 -14.07
C ALA A 635 -28.17 8.24 -13.71
N ILE A 636 -27.15 8.14 -14.54
CA ILE A 636 -25.92 8.91 -14.36
C ILE A 636 -26.27 10.42 -14.40
N LYS A 637 -27.03 10.81 -15.38
CA LYS A 637 -27.43 12.23 -15.52
C LYS A 637 -28.20 12.71 -14.29
N TYR A 638 -29.16 11.90 -13.83
CA TYR A 638 -29.95 12.21 -12.59
C TYR A 638 -29.04 12.43 -11.37
N LEU A 639 -28.11 11.51 -11.15
CA LEU A 639 -27.14 11.67 -10.04
C LEU A 639 -26.26 12.92 -10.25
N LEU A 640 -25.72 13.12 -11.44
CA LEU A 640 -24.82 14.25 -11.64
C LEU A 640 -25.55 15.59 -11.35
N GLU A 641 -26.82 15.64 -11.73
CA GLU A 641 -27.63 16.90 -11.62
C GLU A 641 -28.18 17.12 -10.22
N ASP A 642 -28.02 16.16 -9.34
CA ASP A 642 -28.55 16.29 -7.97
C ASP A 642 -27.52 17.10 -7.20
N PRO A 643 -27.87 18.35 -6.82
CA PRO A 643 -26.90 19.20 -6.15
C PRO A 643 -26.57 18.70 -4.73
N HIS A 644 -27.37 17.78 -4.24
CA HIS A 644 -27.15 17.26 -2.93
C HIS A 644 -26.47 15.92 -2.95
N ALA A 645 -26.09 15.38 -4.11
CA ALA A 645 -25.36 14.11 -4.14
C ALA A 645 -23.85 14.41 -4.06
N ASP A 646 -23.07 13.43 -3.69
CA ASP A 646 -21.68 13.63 -3.34
C ASP A 646 -20.75 13.77 -4.57
N ALA A 647 -19.90 14.80 -4.58
CA ALA A 647 -19.02 15.03 -5.72
C ALA A 647 -18.05 13.92 -5.98
N GLY A 648 -17.44 13.38 -4.92
CA GLY A 648 -16.54 12.27 -5.04
C GLY A 648 -17.19 11.00 -5.60
N PHE A 649 -18.38 10.70 -5.07
CA PHE A 649 -19.17 9.58 -5.60
C PHE A 649 -19.41 9.75 -7.12
N LYS A 650 -19.76 10.97 -7.55
CA LYS A 650 -20.08 11.28 -8.98
C LYS A 650 -18.84 10.92 -9.81
N SER A 651 -17.64 11.26 -9.31
CA SER A 651 -16.44 11.00 -10.12
C SER A 651 -16.22 9.50 -10.34
N TYR A 652 -16.62 8.64 -9.42
CA TYR A 652 -16.57 7.19 -9.62
C TYR A 652 -17.62 6.69 -10.64
N ILE A 653 -18.79 7.29 -10.71
CA ILE A 653 -19.80 6.75 -11.62
C ILE A 653 -19.57 7.07 -13.09
N VAL A 654 -18.86 8.16 -13.42
CA VAL A 654 -18.58 8.54 -14.80
C VAL A 654 -17.27 7.93 -15.30
N SER A 655 -16.60 7.17 -14.42
CA SER A 655 -15.35 6.52 -14.78
C SER A 655 -15.64 5.02 -14.96
N LEU A 656 -15.08 4.40 -16.01
CA LEU A 656 -15.22 2.99 -16.22
C LEU A 656 -14.31 2.31 -15.12
N PRO A 657 -14.58 1.07 -14.86
CA PRO A 657 -13.67 0.29 -14.04
C PRO A 657 -12.24 0.30 -14.57
N GLN A 658 -11.31 0.26 -13.62
CA GLN A 658 -9.88 0.23 -14.00
C GLN A 658 -9.54 -1.01 -14.80
N ASP A 659 -8.58 -0.83 -15.67
CA ASP A 659 -8.19 -1.91 -16.51
C ASP A 659 -7.78 -3.17 -15.75
N ARG A 660 -7.00 -3.01 -14.67
CA ARG A 660 -6.63 -4.19 -13.82
C ARG A 660 -7.86 -4.89 -13.20
N TYR A 661 -8.97 -4.16 -12.95
CA TYR A 661 -10.21 -4.82 -12.54
C TYR A 661 -10.82 -5.62 -13.66
N ILE A 662 -10.92 -5.01 -14.81
CA ILE A 662 -11.53 -5.65 -15.99
C ILE A 662 -10.79 -6.94 -16.35
N ILE A 663 -9.45 -6.91 -16.32
CA ILE A 663 -8.67 -8.04 -16.76
C ILE A 663 -8.88 -9.31 -15.87
N ASN A 664 -9.36 -9.14 -14.62
CA ASN A 664 -9.71 -10.31 -13.86
C ASN A 664 -10.87 -11.14 -14.48
N PHE A 665 -11.64 -10.56 -15.42
CA PHE A 665 -12.78 -11.16 -16.02
C PHE A 665 -12.61 -11.66 -17.43
N VAL A 666 -11.39 -11.56 -17.96
CA VAL A 666 -11.13 -11.92 -19.35
C VAL A 666 -9.93 -12.80 -19.42
N SER A 667 -10.05 -13.94 -20.12
CA SER A 667 -8.84 -14.72 -20.42
C SER A 667 -8.35 -14.42 -21.86
N ASN A 668 -7.04 -14.48 -22.11
CA ASN A 668 -6.46 -14.20 -23.39
C ASN A 668 -6.81 -12.81 -23.89
N LEU A 669 -6.71 -11.87 -22.98
CA LEU A 669 -7.16 -10.52 -23.28
C LEU A 669 -6.36 -9.83 -24.34
N ASP A 670 -7.03 -9.37 -25.41
CA ASP A 670 -6.47 -8.51 -26.42
C ASP A 670 -6.61 -7.04 -25.98
N THR A 671 -5.50 -6.42 -25.59
CA THR A 671 -5.52 -5.12 -25.00
C THR A 671 -5.96 -4.05 -25.96
N ASP A 672 -5.74 -4.27 -27.26
CA ASP A 672 -6.17 -3.30 -28.25
C ASP A 672 -7.70 -3.32 -28.41
N VAL A 673 -8.26 -4.51 -28.38
CA VAL A 673 -9.72 -4.70 -28.36
C VAL A 673 -10.34 -4.07 -27.13
N LEU A 674 -9.71 -4.26 -26.01
CA LEU A 674 -10.22 -3.63 -24.80
C LEU A 674 -10.17 -2.07 -24.92
N ALA A 675 -9.08 -1.54 -25.40
CA ALA A 675 -8.98 -0.09 -25.60
C ALA A 675 -10.09 0.42 -26.49
N ASP A 676 -10.35 -0.28 -27.58
CA ASP A 676 -11.44 0.13 -28.48
C ASP A 676 -12.82 0.03 -27.78
N THR A 677 -12.98 -1.03 -26.94
CA THR A 677 -14.19 -1.21 -26.15
C THR A 677 -14.45 -0.01 -25.22
N LYS A 678 -13.45 0.31 -24.41
CA LYS A 678 -13.58 1.45 -23.48
C LYS A 678 -13.89 2.73 -24.27
N GLU A 679 -13.19 2.97 -25.38
CA GLU A 679 -13.43 4.23 -26.15
C GLU A 679 -14.84 4.27 -26.65
N TYR A 680 -15.37 3.13 -27.09
CA TYR A 680 -16.75 3.13 -27.60
C TYR A 680 -17.76 3.46 -26.51
N ILE A 681 -17.58 2.87 -25.33
CA ILE A 681 -18.48 3.10 -24.17
C ILE A 681 -18.44 4.52 -23.69
N TYR A 682 -17.24 5.05 -23.51
CA TYR A 682 -17.09 6.44 -23.13
C TYR A 682 -17.76 7.39 -24.14
N LYS A 683 -17.59 7.08 -25.40
CA LYS A 683 -18.14 7.96 -26.50
C LYS A 683 -19.65 7.90 -26.51
N GLN A 684 -20.23 6.73 -26.31
CA GLN A 684 -21.71 6.52 -26.23
C GLN A 684 -22.25 7.39 -25.10
N ILE A 685 -21.59 7.36 -23.96
CA ILE A 685 -22.14 8.08 -22.82
C ILE A 685 -21.95 9.60 -23.05
N GLY A 686 -20.76 10.00 -23.51
CA GLY A 686 -20.51 11.45 -23.78
C GLY A 686 -21.43 12.04 -24.83
N ASP A 687 -21.77 11.24 -25.82
CA ASP A 687 -22.72 11.69 -26.80
C ASP A 687 -24.06 12.07 -26.23
N LYS A 688 -24.44 11.45 -25.11
CA LYS A 688 -25.62 11.82 -24.36
C LYS A 688 -25.37 12.89 -23.31
N LEU A 689 -24.23 12.82 -22.60
CA LEU A 689 -24.03 13.63 -21.37
C LEU A 689 -23.07 14.80 -21.44
N ASN A 690 -22.38 15.04 -22.57
CA ASN A 690 -21.34 16.02 -22.54
C ASN A 690 -21.85 17.41 -22.12
N ASP A 691 -23.04 17.78 -22.54
CA ASP A 691 -23.53 19.09 -22.17
C ASP A 691 -23.77 19.18 -20.67
N VAL A 692 -24.23 18.07 -20.07
CA VAL A 692 -24.36 17.98 -18.59
C VAL A 692 -22.98 18.13 -17.97
N TYR A 693 -22.01 17.35 -18.49
CA TYR A 693 -20.62 17.43 -18.00
C TYR A 693 -20.05 18.84 -18.06
N TYR A 694 -20.25 19.53 -19.15
CA TYR A 694 -19.80 20.92 -19.25
C TYR A 694 -20.51 21.81 -18.26
N LYS A 695 -21.83 21.73 -18.18
CA LYS A 695 -22.54 22.59 -17.24
C LYS A 695 -22.03 22.39 -15.81
N MET A 696 -21.81 21.15 -15.40
CA MET A 696 -21.26 20.84 -14.07
CA MET A 696 -21.32 20.85 -14.06
C MET A 696 -19.85 21.31 -13.89
N PHE A 697 -19.00 21.12 -14.90
CA PHE A 697 -17.64 21.59 -14.82
C PHE A 697 -17.66 23.11 -14.49
N LYS A 698 -18.52 23.87 -15.14
CA LYS A 698 -18.60 25.30 -14.84
C LYS A 698 -19.21 25.63 -13.50
N SER A 699 -20.31 24.97 -13.17
CA SER A 699 -21.09 25.27 -11.97
C SER A 699 -20.29 24.93 -10.74
N LEU A 700 -19.44 23.89 -10.78
CA LEU A 700 -18.68 23.49 -9.57
C LEU A 700 -17.49 24.40 -9.29
N GLU A 701 -17.08 25.25 -10.24
CA GLU A 701 -15.84 26.03 -10.14
C GLU A 701 -15.75 26.81 -8.81
N ALA A 702 -16.84 27.48 -8.46
CA ALA A 702 -16.77 28.51 -7.39
C ALA A 702 -16.43 27.80 -6.12
N LYS A 703 -17.16 26.73 -5.85
CA LYS A 703 -16.92 25.98 -4.60
C LYS A 703 -15.69 25.14 -4.62
N ALA A 704 -15.40 24.53 -5.76
CA ALA A 704 -14.20 23.70 -5.91
C ALA A 704 -12.91 24.39 -5.69
N ASP A 705 -12.84 25.61 -6.18
CA ASP A 705 -11.55 26.28 -6.23
C ASP A 705 -11.54 27.47 -5.28
N ASP A 706 -12.52 27.56 -4.37
CA ASP A 706 -12.55 28.52 -3.25
C ASP A 706 -11.23 28.39 -2.46
N LEU A 707 -10.68 29.53 -2.07
CA LEU A 707 -9.38 29.55 -1.38
C LEU A 707 -9.43 29.57 0.09
N THR A 708 -10.57 29.22 0.68
CA THR A 708 -10.59 29.01 2.10
C THR A 708 -9.57 27.93 2.48
N TYR A 709 -8.75 28.24 3.46
CA TYR A 709 -7.75 27.32 4.00
C TYR A 709 -6.53 27.21 3.14
N PHE A 710 -6.39 28.02 2.08
CA PHE A 710 -5.22 27.88 1.19
C PHE A 710 -3.87 28.18 1.90
N ASN A 711 -3.91 28.94 3.04
CA ASN A 711 -2.72 29.22 3.82
C ASN A 711 -2.65 28.42 5.10
N ASP A 712 -3.55 27.46 5.27
CA ASP A 712 -3.68 26.70 6.51
C ASP A 712 -3.24 25.27 6.23
N GLU A 713 -2.01 24.96 6.64
CA GLU A 713 -1.48 23.60 6.42
C GLU A 713 -1.88 22.65 7.50
N SER A 714 -2.81 23.06 8.38
CA SER A 714 -3.33 22.18 9.40
C SER A 714 -4.70 21.62 9.09
N HIS A 715 -5.30 22.05 7.99
CA HIS A 715 -6.74 21.69 7.71
C HIS A 715 -6.96 21.46 6.26
N VAL A 716 -7.63 20.37 5.91
CA VAL A 716 -7.97 20.06 4.53
C VAL A 716 -9.47 19.78 4.50
N ASP A 717 -10.13 20.40 3.53
CA ASP A 717 -11.57 20.13 3.30
C ASP A 717 -11.63 19.04 2.22
N PHE A 718 -11.79 17.78 2.66
CA PHE A 718 -11.81 16.63 1.72
C PHE A 718 -13.01 16.63 0.75
N ASP A 719 -14.13 17.24 1.17
CA ASP A 719 -15.27 17.35 0.25
CA ASP A 719 -15.30 17.39 0.26
C ASP A 719 -14.91 18.30 -0.87
N GLN A 720 -14.25 19.41 -0.54
CA GLN A 720 -13.81 20.31 -1.56
C GLN A 720 -12.78 19.69 -2.48
N MET A 721 -11.87 18.88 -1.95
CA MET A 721 -10.96 18.16 -2.80
C MET A 721 -11.68 17.22 -3.80
N ASN A 722 -12.69 16.54 -3.32
CA ASN A 722 -13.56 15.67 -4.20
C ASN A 722 -14.27 16.52 -5.26
N MET A 723 -14.66 17.75 -4.98
CA MET A 723 -15.14 18.60 -6.04
C MET A 723 -14.12 18.87 -7.12
N ARG A 724 -12.86 19.12 -6.73
CA ARG A 724 -11.83 19.31 -7.75
C ARG A 724 -11.62 18.03 -8.53
N THR A 725 -11.68 16.91 -7.84
CA THR A 725 -11.52 15.65 -8.51
C THR A 725 -12.57 15.48 -9.55
N LEU A 726 -13.81 15.76 -9.20
CA LEU A 726 -14.92 15.65 -10.16
C LEU A 726 -14.68 16.60 -11.36
N ARG A 727 -14.32 17.88 -11.10
CA ARG A 727 -14.03 18.78 -12.18
C ARG A 727 -12.96 18.31 -13.10
N ASN A 728 -11.90 17.74 -12.54
CA ASN A 728 -10.84 17.30 -13.34
C ASN A 728 -11.17 16.02 -14.14
N THR A 729 -12.02 15.20 -13.60
CA THR A 729 -12.51 13.96 -14.28
C THR A 729 -13.39 14.43 -15.48
N LEU A 730 -14.31 15.36 -15.20
CA LEU A 730 -15.18 15.88 -16.26
C LEU A 730 -14.33 16.53 -17.39
N LEU A 731 -13.32 17.31 -17.00
CA LEU A 731 -12.50 18.00 -17.98
C LEU A 731 -11.78 17.04 -18.90
N SER A 732 -11.35 15.92 -18.35
CA SER A 732 -10.74 14.87 -19.13
C SER A 732 -11.69 14.26 -20.14
N LEU A 733 -12.92 13.96 -19.67
CA LEU A 733 -13.98 13.44 -20.54
C LEU A 733 -14.26 14.38 -21.70
N LEU A 734 -14.41 15.66 -21.38
CA LEU A 734 -14.72 16.67 -22.42
C LEU A 734 -13.59 16.94 -23.35
N SER A 735 -12.36 16.80 -22.87
CA SER A 735 -11.18 17.02 -23.70
C SER A 735 -10.96 15.89 -24.70
N LYS A 736 -11.11 14.66 -24.24
CA LYS A 736 -11.04 13.50 -25.08
C LYS A 736 -12.16 13.57 -26.14
N ALA A 737 -13.31 14.06 -25.74
CA ALA A 737 -14.46 14.20 -26.66
C ALA A 737 -14.28 15.33 -27.70
N GLN A 738 -13.29 16.19 -27.55
CA GLN A 738 -13.17 17.44 -28.33
C GLN A 738 -14.41 18.32 -28.25
N TYR A 739 -14.96 18.42 -27.06
CA TYR A 739 -16.13 19.24 -26.87
C TYR A 739 -15.82 20.69 -27.36
N PRO A 740 -16.81 21.33 -28.02
CA PRO A 740 -16.51 22.60 -28.66
C PRO A 740 -15.93 23.61 -27.71
N ASN A 741 -14.78 24.15 -28.13
CA ASN A 741 -14.08 25.25 -27.44
C ASN A 741 -13.57 24.91 -26.06
N ILE A 742 -13.43 23.61 -25.79
CA ILE A 742 -12.97 23.20 -24.46
C ILE A 742 -11.50 23.62 -24.23
N LEU A 743 -10.72 23.81 -25.31
CA LEU A 743 -9.36 24.33 -25.15
C LEU A 743 -9.32 25.62 -24.34
N ASN A 744 -10.29 26.53 -24.54
CA ASN A 744 -10.38 27.72 -23.68
C ASN A 744 -10.44 27.42 -22.18
N GLU A 745 -11.26 26.45 -21.79
CA GLU A 745 -11.35 25.99 -20.44
C GLU A 745 -10.01 25.40 -19.98
N ILE A 746 -9.35 24.63 -20.86
CA ILE A 746 -8.08 24.00 -20.48
C ILE A 746 -7.05 25.11 -20.17
N ILE A 747 -7.00 26.12 -21.04
CA ILE A 747 -6.05 27.20 -20.77
C ILE A 747 -6.31 27.98 -19.49
N GLU A 748 -7.57 28.27 -19.20
CA GLU A 748 -7.93 28.93 -17.95
C GLU A 748 -7.56 28.08 -16.79
N HIS A 749 -7.81 26.78 -16.91
CA HIS A 749 -7.55 25.84 -15.80
C HIS A 749 -6.06 25.84 -15.46
N SER A 750 -5.18 25.96 -16.44
CA SER A 750 -3.73 26.02 -16.22
C SER A 750 -3.24 27.21 -15.44
N LYS A 751 -4.12 28.22 -15.24
CA LYS A 751 -3.84 29.38 -14.44
C LYS A 751 -4.29 29.28 -12.98
N SER A 752 -4.91 28.16 -12.60
CA SER A 752 -5.41 27.97 -11.25
C SER A 752 -4.30 27.89 -10.27
N PRO A 753 -4.49 28.39 -9.04
CA PRO A 753 -3.41 28.24 -8.06
C PRO A 753 -3.27 26.81 -7.53
N TYR A 754 -4.25 25.94 -7.77
CA TYR A 754 -4.16 24.55 -7.27
C TYR A 754 -3.33 23.68 -8.23
N PRO A 755 -2.20 23.08 -7.78
CA PRO A 755 -1.48 22.17 -8.67
C PRO A 755 -2.33 21.04 -9.22
N SER A 756 -3.25 20.50 -8.46
CA SER A 756 -4.11 19.46 -9.04
C SER A 756 -4.74 19.94 -10.33
N ASN A 757 -5.21 21.17 -10.35
CA ASN A 757 -5.79 21.76 -11.57
C ASN A 757 -4.78 22.04 -12.66
N TRP A 758 -3.71 22.75 -12.37
CA TRP A 758 -2.75 23.04 -13.44
C TRP A 758 -1.99 21.84 -13.98
N LEU A 759 -1.76 20.79 -13.21
CA LEU A 759 -1.21 19.61 -13.81
C LEU A 759 -2.29 18.86 -14.62
N THR A 760 -3.56 18.83 -14.18
CA THR A 760 -4.63 18.25 -14.99
C THR A 760 -4.65 18.95 -16.36
N SER A 761 -4.42 20.26 -16.37
CA SER A 761 -4.45 21.01 -17.68
C SER A 761 -3.45 20.42 -18.61
N LEU A 762 -2.26 20.05 -18.08
CA LEU A 762 -1.29 19.36 -18.94
C LEU A 762 -1.80 18.02 -19.48
N SER A 763 -2.25 17.11 -18.62
CA SER A 763 -2.72 15.84 -19.17
C SER A 763 -3.88 15.96 -20.16
N VAL A 764 -4.89 16.76 -19.85
CA VAL A 764 -6.05 16.90 -20.74
C VAL A 764 -5.67 17.65 -22.07
N SER A 765 -4.60 18.43 -22.09
CA SER A 765 -4.15 19.12 -23.29
C SER A 765 -3.51 18.14 -24.22
N ALA A 766 -3.28 16.89 -23.79
CA ALA A 766 -2.73 15.89 -24.71
C ALA A 766 -3.46 15.75 -26.07
N TYR A 767 -4.74 16.01 -26.03
CA TYR A 767 -5.63 15.89 -27.18
C TYR A 767 -5.55 17.10 -28.09
N PHE A 768 -4.67 18.06 -27.85
CA PHE A 768 -4.58 19.33 -28.59
C PHE A 768 -3.13 19.71 -28.95
N ASP A 769 -2.99 20.56 -29.97
CA ASP A 769 -1.69 21.09 -30.38
C ASP A 769 -1.01 21.89 -29.25
N LYS A 770 -1.77 22.37 -28.29
CA LYS A 770 -1.24 23.15 -27.16
C LYS A 770 -0.44 22.32 -26.12
N TYR A 771 -0.44 20.98 -26.28
CA TYR A 771 0.25 20.15 -25.28
C TYR A 771 1.69 20.60 -25.05
N PHE A 772 2.48 20.81 -26.12
CA PHE A 772 3.87 21.15 -25.82
C PHE A 772 4.04 22.52 -25.17
N GLU A 773 3.15 23.48 -25.40
CA GLU A 773 3.23 24.73 -24.65
C GLU A 773 2.91 24.56 -23.15
N LEU A 774 1.86 23.82 -22.85
CA LEU A 774 1.56 23.46 -21.45
C LEU A 774 2.64 22.59 -20.78
N TYR A 775 3.26 21.71 -21.54
CA TYR A 775 4.42 20.89 -21.06
C TYR A 775 5.50 21.83 -20.56
N ASP A 776 5.88 22.84 -21.36
CA ASP A 776 6.83 23.81 -20.93
C ASP A 776 6.42 24.71 -19.77
N LYS A 777 5.17 25.20 -19.80
CA LYS A 777 4.69 26.06 -18.79
C LYS A 777 4.73 25.32 -17.46
N THR A 778 4.19 24.11 -17.44
CA THR A 778 4.05 23.42 -16.14
C THR A 778 5.43 22.90 -15.69
N TYR A 779 6.34 22.60 -16.62
CA TYR A 779 7.68 22.25 -16.25
C TYR A 779 8.31 23.36 -15.43
N LYS A 780 8.18 24.62 -15.91
CA LYS A 780 8.75 25.72 -15.25
C LYS A 780 8.15 25.94 -13.87
N LEU A 781 6.87 25.65 -13.75
CA LEU A 781 6.19 25.76 -12.47
C LEU A 781 6.66 24.66 -11.47
N SER A 782 7.15 23.55 -11.99
CA SER A 782 7.42 22.35 -11.20
C SER A 782 8.89 22.16 -10.87
N LYS A 783 9.78 22.72 -11.67
CA LYS A 783 11.15 22.25 -11.68
C LYS A 783 11.97 22.59 -10.40
N ASP A 784 11.53 23.53 -9.59
CA ASP A 784 12.31 23.97 -8.39
C ASP A 784 11.84 23.32 -7.11
N ASP A 785 10.92 22.39 -7.21
CA ASP A 785 10.50 21.65 -6.00
C ASP A 785 10.67 20.17 -6.38
N GLU A 786 11.51 19.42 -5.65
CA GLU A 786 11.83 18.04 -6.02
C GLU A 786 10.57 17.18 -6.20
N LEU A 787 9.61 17.34 -5.29
CA LEU A 787 8.45 16.48 -5.25
C LEU A 787 7.45 16.91 -6.33
N LEU A 788 7.22 18.23 -6.48
CA LEU A 788 6.38 18.72 -7.59
C LEU A 788 6.91 18.31 -8.97
N LEU A 789 8.24 18.28 -9.15
CA LEU A 789 8.84 17.81 -10.41
C LEU A 789 8.56 16.36 -10.64
N GLN A 790 8.66 15.55 -9.59
CA GLN A 790 8.23 14.15 -9.73
C GLN A 790 6.72 14.02 -10.13
N GLU A 791 5.85 14.87 -9.60
CA GLU A 791 4.42 14.83 -9.99
C GLU A 791 4.24 15.27 -11.43
N TRP A 792 5.05 16.22 -11.86
CA TRP A 792 5.08 16.60 -13.30
C TRP A 792 5.54 15.47 -14.19
N LEU A 793 6.57 14.73 -13.73
CA LEU A 793 7.02 13.54 -14.47
C LEU A 793 5.92 12.55 -14.61
N LYS A 794 5.15 12.30 -13.53
CA LYS A 794 4.07 11.33 -13.63
C LYS A 794 2.98 11.79 -14.61
N THR A 795 2.74 13.10 -14.62
CA THR A 795 1.68 13.73 -15.45
C THR A 795 2.05 13.53 -16.94
N VAL A 796 3.33 13.75 -17.23
CA VAL A 796 3.82 13.57 -18.59
C VAL A 796 3.71 12.08 -18.96
N SER A 797 4.18 11.23 -18.05
CA SER A 797 4.25 9.77 -18.28
C SER A 797 2.87 9.17 -18.57
N ARG A 798 1.84 9.64 -17.90
CA ARG A 798 0.49 9.09 -18.12
C ARG A 798 -0.29 9.81 -19.22
N SER A 799 0.32 10.80 -19.87
CA SER A 799 -0.34 11.59 -20.93
C SER A 799 -0.71 10.71 -22.11
N ASP A 800 -1.93 10.95 -22.61
CA ASP A 800 -2.49 10.09 -23.69
C ASP A 800 -2.04 10.66 -25.02
N ARG A 801 -0.78 10.38 -25.32
CA ARG A 801 -0.07 10.94 -26.45
C ARG A 801 0.30 9.80 -27.39
N LYS A 802 0.00 9.98 -28.69
CA LYS A 802 0.54 9.04 -29.71
C LYS A 802 2.07 9.00 -29.75
N ASP A 803 2.73 10.09 -29.43
CA ASP A 803 4.20 10.16 -29.43
C ASP A 803 4.81 9.89 -28.04
N ILE A 804 4.15 9.09 -27.21
CA ILE A 804 4.64 8.91 -25.81
C ILE A 804 6.02 8.30 -25.77
N TYR A 805 6.36 7.37 -26.70
CA TYR A 805 7.68 6.87 -26.68
C TYR A 805 8.75 7.95 -26.88
N GLU A 806 8.52 8.90 -27.79
CA GLU A 806 9.51 9.98 -28.00
C GLU A 806 9.53 10.92 -26.80
N ILE A 807 8.40 11.07 -26.12
CA ILE A 807 8.34 11.92 -24.92
C ILE A 807 9.16 11.24 -23.77
N LEU A 808 9.03 9.94 -23.59
CA LEU A 808 9.81 9.21 -22.57
C LEU A 808 11.30 9.39 -22.81
N LYS A 809 11.72 9.29 -24.08
CA LYS A 809 13.13 9.44 -24.39
C LYS A 809 13.55 10.89 -24.03
N LYS A 810 12.68 11.87 -24.31
CA LYS A 810 12.95 13.26 -23.89
C LYS A 810 13.07 13.41 -22.33
N LEU A 811 12.19 12.73 -21.58
CA LEU A 811 12.31 12.75 -20.12
C LEU A 811 13.64 12.11 -19.65
N GLU A 812 14.00 10.99 -20.24
CA GLU A 812 15.21 10.33 -19.92
C GLU A 812 16.39 11.22 -20.13
N ASN A 813 16.42 11.89 -21.26
CA ASN A 813 17.60 12.72 -21.58
C ASN A 813 17.65 14.03 -20.90
N GLU A 814 16.52 14.63 -20.67
CA GLU A 814 16.52 15.98 -20.19
C GLU A 814 16.28 16.13 -18.71
N VAL A 815 15.62 15.13 -18.07
CA VAL A 815 15.25 15.26 -16.68
C VAL A 815 15.70 14.15 -15.78
N LEU A 816 15.41 12.90 -16.14
CA LEU A 816 15.80 11.75 -15.32
C LEU A 816 17.30 11.53 -15.32
N LYS A 817 17.87 11.49 -16.50
CA LYS A 817 19.26 11.24 -16.66
C LYS A 817 19.73 10.02 -15.84
N ASP A 818 20.75 10.20 -15.01
CA ASP A 818 21.40 9.05 -14.36
C ASP A 818 20.80 8.85 -12.96
N SER A 819 19.71 9.55 -12.60
CA SER A 819 19.16 9.49 -11.25
C SER A 819 18.98 8.07 -10.73
N LYS A 820 19.36 7.87 -9.46
CA LYS A 820 19.14 6.60 -8.80
C LYS A 820 18.02 6.78 -7.73
N ASN A 821 17.33 7.93 -7.77
CA ASN A 821 16.27 8.25 -6.82
C ASN A 821 15.05 7.39 -7.27
N PRO A 822 14.61 6.44 -6.42
CA PRO A 822 13.43 5.63 -6.81
C PRO A 822 12.21 6.44 -7.19
N ASN A 823 12.00 7.60 -6.55
CA ASN A 823 10.83 8.35 -6.90
C ASN A 823 10.94 8.90 -8.31
N ASP A 824 12.13 9.23 -8.75
CA ASP A 824 12.29 9.76 -10.15
C ASP A 824 12.05 8.63 -11.15
N ILE A 825 12.65 7.45 -10.89
CA ILE A 825 12.52 6.31 -11.81
C ILE A 825 11.05 5.87 -11.86
N ARG A 826 10.39 5.74 -10.69
CA ARG A 826 9.02 5.33 -10.70
C ARG A 826 8.10 6.34 -11.42
N ALA A 827 8.41 7.63 -11.28
CA ALA A 827 7.55 8.70 -11.83
C ALA A 827 7.61 8.67 -13.37
N VAL A 828 8.80 8.41 -13.91
CA VAL A 828 8.96 8.38 -15.35
C VAL A 828 8.26 7.21 -16.01
N TYR A 829 8.40 6.02 -15.43
CA TYR A 829 7.98 4.77 -16.08
C TYR A 829 6.65 4.18 -15.66
N LEU A 830 6.25 4.20 -14.37
CA LEU A 830 5.07 3.41 -13.99
C LEU A 830 3.78 3.97 -14.61
N PRO A 831 3.56 5.29 -14.63
CA PRO A 831 2.31 5.71 -15.23
C PRO A 831 2.15 5.28 -16.67
N PHE A 832 3.18 5.43 -17.46
CA PHE A 832 3.23 4.96 -18.82
C PHE A 832 2.87 3.50 -18.96
N THR A 833 3.32 2.65 -18.02
CA THR A 833 2.92 1.25 -18.07
C THR A 833 1.42 0.99 -17.96
N ASN A 834 0.62 1.95 -17.50
CA ASN A 834 -0.79 1.84 -17.40
C ASN A 834 -1.47 2.34 -18.65
N ASN A 835 -0.69 2.73 -19.65
CA ASN A 835 -1.25 3.18 -20.96
C ASN A 835 -1.56 1.94 -21.77
N LEU A 836 -2.86 1.59 -21.79
CA LEU A 836 -3.26 0.31 -22.33
C LEU A 836 -2.92 0.16 -23.78
N ARG A 837 -3.18 1.21 -24.56
CA ARG A 837 -2.84 1.15 -25.98
C ARG A 837 -1.37 1.16 -26.32
N ARG A 838 -0.58 1.98 -25.61
CA ARG A 838 0.81 2.15 -25.97
C ARG A 838 1.79 1.21 -25.28
N PHE A 839 1.60 0.93 -23.97
CA PHE A 839 2.50 0.02 -23.29
C PHE A 839 2.45 -1.39 -23.90
N HIS A 840 1.23 -1.79 -24.31
CA HIS A 840 1.03 -3.11 -24.90
C HIS A 840 1.10 -3.12 -26.42
N ASP A 841 1.80 -2.16 -26.99
CA ASP A 841 2.08 -2.14 -28.42
C ASP A 841 2.51 -3.52 -28.87
N ILE A 842 1.80 -4.03 -29.88
CA ILE A 842 1.99 -5.38 -30.35
C ILE A 842 3.44 -5.69 -30.80
N SER A 843 4.26 -4.69 -31.11
CA SER A 843 5.70 -4.91 -31.34
C SER A 843 6.48 -5.42 -30.14
N GLY A 844 5.94 -5.17 -28.95
CA GLY A 844 6.65 -5.56 -27.72
C GLY A 844 7.59 -4.47 -27.22
N LYS A 845 7.57 -3.29 -27.84
CA LYS A 845 8.60 -2.29 -27.54
C LYS A 845 8.40 -1.74 -26.16
N GLY A 846 7.17 -1.74 -25.67
CA GLY A 846 6.86 -1.32 -24.29
C GLY A 846 7.43 -2.28 -23.29
N TYR A 847 7.28 -3.58 -23.58
CA TYR A 847 7.79 -4.61 -22.68
C TYR A 847 9.31 -4.56 -22.61
N LYS A 848 9.94 -4.30 -23.77
CA LYS A 848 11.39 -4.23 -23.87
C LYS A 848 11.91 -3.05 -23.09
N LEU A 849 11.28 -1.91 -23.23
CA LEU A 849 11.71 -0.67 -22.53
C LEU A 849 11.66 -0.85 -21.01
N ILE A 850 10.53 -1.32 -20.50
CA ILE A 850 10.46 -1.53 -19.04
C ILE A 850 11.43 -2.63 -18.59
N ALA A 851 11.57 -3.75 -19.36
CA ALA A 851 12.53 -4.80 -18.94
C ALA A 851 13.95 -4.23 -18.85
N GLU A 852 14.31 -3.31 -19.74
CA GLU A 852 15.70 -2.69 -19.70
C GLU A 852 15.84 -1.84 -18.46
N VAL A 853 14.78 -1.18 -18.04
CA VAL A 853 14.80 -0.29 -16.84
C VAL A 853 14.93 -1.18 -15.62
N ILE A 854 14.20 -2.32 -15.62
CA ILE A 854 14.25 -3.23 -14.50
C ILE A 854 15.69 -3.77 -14.30
N THR A 855 16.26 -4.21 -15.37
CA THR A 855 17.60 -4.81 -15.34
C THR A 855 18.60 -3.78 -14.92
N LYS A 856 18.46 -2.56 -15.45
CA LYS A 856 19.37 -1.48 -15.09
C LYS A 856 19.27 -1.21 -13.60
N THR A 857 18.04 -1.08 -13.11
CA THR A 857 17.80 -0.70 -11.76
C THR A 857 18.25 -1.82 -10.77
N ASP A 858 18.16 -3.08 -11.20
CA ASP A 858 18.50 -4.22 -10.36
C ASP A 858 19.99 -4.21 -9.97
N LYS A 859 20.79 -3.57 -10.80
CA LYS A 859 22.23 -3.50 -10.49
C LYS A 859 22.53 -2.65 -9.30
N PHE A 860 21.59 -1.82 -8.88
CA PHE A 860 21.84 -1.05 -7.65
C PHE A 860 20.71 -1.03 -6.62
N ASN A 861 19.50 -1.39 -7.03
CA ASN A 861 18.39 -1.41 -6.07
C ASN A 861 17.41 -2.53 -6.46
N PRO A 862 17.66 -3.75 -5.99
CA PRO A 862 16.82 -4.93 -6.29
C PRO A 862 15.36 -4.75 -5.86
N MET A 863 15.12 -4.07 -4.74
CA MET A 863 13.75 -3.92 -4.29
C MET A 863 12.95 -3.05 -5.27
N VAL A 864 13.52 -1.95 -5.69
CA VAL A 864 12.87 -1.12 -6.70
C VAL A 864 12.70 -1.80 -8.09
N ALA A 865 13.69 -2.59 -8.50
CA ALA A 865 13.61 -3.37 -9.72
C ALA A 865 12.43 -4.30 -9.68
N THR A 866 12.16 -4.93 -8.50
CA THR A 866 10.99 -5.83 -8.40
C THR A 866 9.69 -5.07 -8.45
N GLN A 867 9.67 -3.88 -7.86
CA GLN A 867 8.48 -2.98 -8.02
C GLN A 867 8.17 -2.68 -9.50
N LEU A 868 9.21 -2.41 -10.26
CA LEU A 868 9.09 -2.07 -11.67
C LEU A 868 8.60 -3.25 -12.54
N CYS A 869 8.60 -4.46 -11.96
CA CYS A 869 8.07 -5.68 -12.62
C CYS A 869 6.57 -5.74 -12.65
N GLU A 870 5.91 -4.84 -11.94
CA GLU A 870 4.47 -4.88 -11.76
C GLU A 870 3.66 -5.11 -13.05
N PRO A 871 3.97 -4.38 -14.17
CA PRO A 871 3.14 -4.62 -15.40
C PRO A 871 3.18 -6.05 -15.89
N PHE A 872 4.22 -6.81 -15.55
CA PHE A 872 4.33 -8.17 -16.05
C PHE A 872 3.48 -9.15 -15.28
N LYS A 873 2.88 -8.75 -14.14
CA LYS A 873 2.15 -9.73 -13.32
C LYS A 873 0.95 -10.31 -14.02
N LEU A 874 0.38 -9.59 -14.98
CA LEU A 874 -0.78 -10.10 -15.67
C LEU A 874 -0.41 -10.82 -16.95
N TRP A 875 0.86 -11.24 -17.12
CA TRP A 875 1.26 -11.76 -18.44
C TRP A 875 0.45 -12.92 -18.97
N ASN A 876 0.08 -13.86 -18.10
CA ASN A 876 -0.63 -15.07 -18.53
C ASN A 876 -2.16 -14.86 -18.69
N LYS A 877 -2.61 -13.60 -18.55
CA LYS A 877 -3.97 -13.20 -18.85
C LYS A 877 -4.13 -12.65 -20.26
N LEU A 878 -3.04 -12.35 -20.96
CA LEU A 878 -3.03 -11.64 -22.23
C LEU A 878 -3.25 -12.62 -23.40
N ASP A 879 -3.54 -12.05 -24.58
CA ASP A 879 -3.59 -12.84 -25.79
C ASP A 879 -2.25 -13.52 -26.04
N THR A 880 -2.22 -14.62 -26.81
CA THR A 880 -0.95 -15.39 -26.86
C THR A 880 0.32 -14.74 -27.48
N LYS A 881 0.17 -13.77 -28.39
CA LYS A 881 1.29 -13.02 -28.89
C LYS A 881 1.90 -12.14 -27.79
N ARG A 882 1.06 -11.43 -27.06
CA ARG A 882 1.59 -10.59 -25.96
C ARG A 882 2.15 -11.44 -24.83
N GLN A 883 1.53 -12.58 -24.52
CA GLN A 883 2.09 -13.49 -23.55
C GLN A 883 3.53 -13.87 -23.94
N GLU A 884 3.70 -14.22 -25.22
CA GLU A 884 5.02 -14.65 -25.71
C GLU A 884 6.07 -13.52 -25.61
N LEU A 885 5.67 -12.31 -25.96
CA LEU A 885 6.56 -11.11 -25.87
C LEU A 885 6.96 -10.80 -24.43
N MET A 886 5.99 -10.83 -23.51
CA MET A 886 6.30 -10.60 -22.08
C MET A 886 7.20 -11.71 -21.56
N LEU A 887 6.89 -12.95 -21.94
CA LEU A 887 7.67 -14.07 -21.46
C LEU A 887 9.10 -13.93 -21.99
N ASN A 888 9.25 -13.52 -23.25
CA ASN A 888 10.58 -13.33 -23.81
CA ASN A 888 10.60 -13.41 -23.75
C ASN A 888 11.39 -12.36 -22.96
N GLU A 889 10.78 -11.22 -22.60
CA GLU A 889 11.50 -10.25 -21.80
C GLU A 889 11.79 -10.73 -20.39
N MET A 890 10.86 -11.46 -19.75
CA MET A 890 11.08 -12.01 -18.42
C MET A 890 12.26 -12.98 -18.44
N ASN A 891 12.26 -13.85 -19.42
CA ASN A 891 13.37 -14.81 -19.51
C ASN A 891 14.73 -14.12 -19.81
N THR A 892 14.72 -13.07 -20.63
CA THR A 892 15.91 -12.22 -20.84
C THR A 892 16.40 -11.63 -19.56
N MET A 893 15.49 -11.08 -18.75
CA MET A 893 15.91 -10.57 -17.42
C MET A 893 16.53 -11.62 -16.50
N LEU A 894 15.99 -12.84 -16.53
CA LEU A 894 16.41 -13.95 -15.73
C LEU A 894 17.81 -14.43 -16.10
N GLN A 895 18.18 -14.16 -17.32
CA GLN A 895 19.52 -14.52 -17.89
C GLN A 895 20.59 -13.50 -17.56
N GLU A 896 20.21 -12.38 -16.96
CA GLU A 896 21.17 -11.33 -16.71
C GLU A 896 22.20 -11.77 -15.68
N PRO A 897 23.52 -11.60 -16.02
CA PRO A 897 24.44 -11.99 -14.99
C PRO A 897 24.32 -11.15 -13.69
N ASN A 898 24.54 -11.82 -12.53
CA ASN A 898 24.51 -11.22 -11.20
C ASN A 898 23.13 -10.65 -10.87
N ILE A 899 22.10 -11.17 -11.52
CA ILE A 899 20.70 -10.81 -11.08
C ILE A 899 20.54 -11.03 -9.60
N SER A 900 19.83 -10.09 -8.94
CA SER A 900 19.62 -10.20 -7.55
C SER A 900 18.78 -11.40 -7.18
N ASN A 901 18.93 -11.88 -5.94
CA ASN A 901 18.09 -12.92 -5.46
C ASN A 901 16.63 -12.46 -5.45
N ASN A 902 16.40 -11.20 -5.11
CA ASN A 902 15.01 -10.63 -5.09
C ASN A 902 14.34 -10.73 -6.40
N LEU A 903 15.01 -10.27 -7.43
CA LEU A 903 14.43 -10.25 -8.78
C LEU A 903 14.30 -11.67 -9.40
N LYS A 904 15.34 -12.48 -9.22
CA LYS A 904 15.32 -13.81 -9.69
C LYS A 904 14.20 -14.63 -9.04
N GLU A 905 13.99 -14.52 -7.75
CA GLU A 905 12.88 -15.28 -7.11
C GLU A 905 11.54 -14.80 -7.67
N TYR A 906 11.42 -13.49 -7.80
CA TYR A 906 10.14 -12.88 -8.27
C TYR A 906 9.79 -13.41 -9.63
N LEU A 907 10.78 -13.33 -10.52
CA LEU A 907 10.56 -13.73 -11.89
C LEU A 907 10.41 -15.24 -12.09
N LEU A 908 11.10 -16.04 -11.27
CA LEU A 908 10.93 -17.49 -11.30
C LEU A 908 9.53 -17.89 -10.86
N ARG A 909 9.06 -17.28 -9.80
CA ARG A 909 7.67 -17.50 -9.36
C ARG A 909 6.64 -17.09 -10.41
N LEU A 910 6.84 -15.89 -10.94
CA LEU A 910 5.90 -15.29 -11.87
C LEU A 910 5.79 -16.12 -13.16
N THR A 911 6.91 -16.84 -13.55
CA THR A 911 6.96 -17.59 -14.84
C THR A 911 6.78 -19.08 -14.60
N ASN A 912 6.22 -19.44 -13.46
CA ASN A 912 5.88 -20.83 -13.08
C ASN A 912 7.04 -21.77 -12.99
N LYS A 913 8.23 -21.27 -12.66
CA LYS A 913 9.40 -22.13 -12.49
C LYS A 913 9.69 -22.40 -10.98
N LEU A 914 8.99 -21.73 -10.06
CA LEU A 914 9.31 -21.83 -8.61
C LEU A 914 8.07 -21.71 -7.75
#